data_9EJG
#
_entry.id   9EJG
#
_cell.length_a   92.947
_cell.length_b   43.359
_cell.length_c   257.586
_cell.angle_alpha   90.000
_cell.angle_beta   90.103
_cell.angle_gamma   90.000
#
_symmetry.space_group_name_H-M   'I 1 2 1'
#
loop_
_entity.id
_entity.type
_entity.pdbx_description
1 polymer 'HLA class II histocompatibility antigen, DQ alpha 1 chain'
2 polymer 'glia-omega 1 peptide'
3 polymer 'G9 T cell receptor alpha chain'
4 polymer 'G9 T cell receptor beta chain'
5 polymer 'MHC class II HLA-DQ-beta-1'
6 non-polymer 2-acetamido-2-deoxy-beta-D-glucopyranose
7 non-polymer 'FORMIC ACID'
8 non-polymer GLYCEROL
9 non-polymer 'ACETATE ION'
10 water water
#
loop_
_entity_poly.entity_id
_entity_poly.type
_entity_poly.pdbx_seq_one_letter_code
_entity_poly.pdbx_strand_id
1 'polypeptide(L)'
;EDIVADHVASYGVNLYQSYGPSGQYTHEFDGDEQFYVDLGRKETVWCLPVLRQFRFDPQFALTNIAVLKHNLNSLIKRSN
STAATNEVPEVTVFSKSPVTLGQPNILICLVDNIFPPVVNITWLSNGHSVTEGVSETSFLSKSDHSFFKISYLTLLPSAE
ESYDCKVEHWGLDKPLLKHWEPE
;
A
2 'polypeptide(L)' QPFPQPEQPFP C
3 'polypeptide(L)'
;MQRKEVEQDPGPFNVPEGATVAFNCTYSNSASQSFFWYRQDCRKEPKLLMSVYSSGNEDGRFTAQLNRASQYISLLIRDS
KLSDSATYLCVVMGFQKLVFGTGTRLLVSPNIQNPDPAVYQLRDSKSSDKSVCLFTDFDSQTNVSQSKDSDVYITDKCVL
DMRSMDFKSNSAVAWSNKSDFACANAFNNSIIPEDTFFPSPESS
;
D
4 'polypeptide(L)'
;MGVTQTPRYLIKTRGQQVTLSCSPISGHRSVSWYQQTPGQGLQFLFEYFSETQRNKGNFPGRFSGRQFSNSRSEMNVSTL
ELGDSALYLCASSLRAESGELFFGEGSRLTVLEDLNKVFPPEVAVFEPSEAEISHTQKATLVCLATGFFPDHVELSWWVN
GKEVHSGVCTDPQPLKEQPALNDSRYALSSRLRVSATFWQNPRNHFRCQVQFYGLSENDEWTQDRAKPVTQIVSAEAWGR
AD
;
E
5 'polypeptide(L)'
;RDSPEDFVYQFKGMCYFTNGTERVRLVSRSIYNREEIVRFDSDVGEFRAVTLLGLPAAEYWNSQKDILERKRAAVDRVCR
HNYQLELRTTLQRRVEPTVTISPSRTEALNHHNLLVCSVTDFYPAQIKVRWFRNDQEETAGVVSTPLIRNGDWTFQILVM
LEMTPQRGDVYTCHVEHPSLQSPITVEWRAQSTS
;
B
#
# COMPACT_ATOMS: atom_id res chain seq x y z
N ILE A 3 -1.92 11.42 -10.64
CA ILE A 3 -3.21 10.75 -10.49
C ILE A 3 -3.99 10.84 -11.80
N VAL A 4 -4.52 9.72 -12.25
CA VAL A 4 -5.26 9.65 -13.51
C VAL A 4 -6.75 9.78 -13.22
N ALA A 5 -7.40 10.68 -13.94
CA ALA A 5 -8.80 11.01 -13.70
C ALA A 5 -9.39 11.58 -14.98
N ASP A 6 -10.71 11.47 -15.11
CA ASP A 6 -11.40 12.12 -16.21
C ASP A 6 -11.33 13.64 -16.06
N HIS A 7 -11.49 14.15 -14.85
CA HIS A 7 -11.45 15.58 -14.60
C HIS A 7 -10.72 15.85 -13.29
N VAL A 8 -10.00 16.97 -13.27
CA VAL A 8 -9.24 17.42 -12.11
C VAL A 8 -9.63 18.86 -11.84
N ALA A 9 -9.93 19.17 -10.58
CA ALA A 9 -10.25 20.54 -10.20
C ALA A 9 -9.41 20.94 -9.01
N SER A 10 -9.13 22.23 -8.90
CA SER A 10 -8.48 22.80 -7.73
C SER A 10 -9.46 23.79 -7.12
N TYR A 11 -10.03 23.45 -5.97
CA TYR A 11 -11.02 24.28 -5.27
C TYR A 11 -10.49 24.64 -3.88
N GLY A 12 -9.49 25.52 -3.81
CA GLY A 12 -8.86 26.13 -4.96
C GLY A 12 -7.34 26.11 -4.90
N VAL A 13 -6.72 26.96 -5.70
CA VAL A 13 -5.27 27.14 -5.64
C VAL A 13 -4.99 28.32 -4.72
N ASN A 14 -4.33 28.06 -3.59
CA ASN A 14 -4.00 29.10 -2.63
C ASN A 14 -2.51 29.36 -2.70
N LEU A 15 -2.14 30.62 -2.88
CA LEU A 15 -0.73 30.99 -2.98
C LEU A 15 -0.46 32.16 -2.04
N TYR A 16 0.60 32.05 -1.25
CA TYR A 16 1.12 33.19 -0.51
C TYR A 16 2.64 33.16 -0.58
N GLN A 17 3.24 34.32 -0.77
CA GLN A 17 4.70 34.40 -0.87
C GLN A 17 5.20 35.64 -0.15
N SER A 18 6.43 35.53 0.37
CA SER A 18 6.99 36.61 1.18
C SER A 18 7.34 37.82 0.35
N TYR A 19 7.75 37.63 -0.91
CA TYR A 19 8.45 38.70 -1.63
C TYR A 19 7.56 39.91 -1.86
N GLY A 20 6.27 39.71 -1.94
CA GLY A 20 5.35 40.82 -2.11
C GLY A 20 5.38 41.72 -0.89
N PRO A 21 4.76 41.29 0.23
CA PRO A 21 4.05 40.00 0.31
C PRO A 21 2.83 40.02 -0.57
N SER A 22 2.55 38.90 -1.23
CA SER A 22 1.42 38.84 -2.14
C SER A 22 0.86 37.44 -2.10
N GLY A 23 -0.44 37.34 -2.39
CA GLY A 23 -1.11 36.06 -2.46
C GLY A 23 -1.99 35.98 -3.69
N GLN A 24 -2.52 34.79 -3.92
CA GLN A 24 -3.44 34.59 -5.04
C GLN A 24 -4.43 33.51 -4.66
N TYR A 25 -5.68 33.70 -5.03
CA TYR A 25 -6.70 32.69 -4.85
C TYR A 25 -7.44 32.48 -6.16
N THR A 26 -7.46 31.23 -6.63
CA THR A 26 -8.16 30.86 -7.85
C THR A 26 -8.84 29.53 -7.66
N HIS A 27 -9.84 29.28 -8.48
CA HIS A 27 -10.30 27.92 -8.73
C HIS A 27 -9.95 27.55 -10.16
N GLU A 28 -9.62 26.28 -10.36
CA GLU A 28 -9.28 25.77 -11.67
C GLU A 28 -10.12 24.53 -11.95
N PHE A 29 -10.51 24.36 -13.21
CA PHE A 29 -11.18 23.12 -13.62
C PHE A 29 -10.56 22.63 -14.93
N ASP A 30 -10.11 21.38 -14.91
CA ASP A 30 -9.37 20.77 -16.03
C ASP A 30 -8.28 21.71 -16.54
N GLY A 31 -7.60 22.37 -15.61
CA GLY A 31 -6.44 23.15 -15.97
C GLY A 31 -6.71 24.59 -16.39
N ASP A 32 -7.95 25.04 -16.36
CA ASP A 32 -8.30 26.40 -16.75
C ASP A 32 -8.83 27.19 -15.55
N GLU A 33 -8.62 28.50 -15.60
CA GLU A 33 -8.97 29.36 -14.47
C GLU A 33 -10.46 29.69 -14.50
N GLN A 34 -11.17 29.30 -13.44
CA GLN A 34 -12.59 29.64 -13.32
C GLN A 34 -12.79 31.05 -12.79
N PHE A 35 -12.03 31.42 -11.76
CA PHE A 35 -12.09 32.77 -11.23
C PHE A 35 -10.86 33.00 -10.39
N TYR A 36 -10.59 34.27 -10.12
CA TYR A 36 -9.66 34.66 -9.07
C TYR A 36 -10.38 35.62 -8.16
N VAL A 37 -9.95 35.67 -6.90
CA VAL A 37 -10.42 36.68 -5.97
C VAL A 37 -9.39 37.79 -5.91
N ASP A 38 -9.77 38.99 -6.36
CA ASP A 38 -8.97 40.19 -6.15
C ASP A 38 -8.94 40.44 -4.65
N LEU A 39 -7.82 40.09 -4.00
CA LEU A 39 -7.75 40.20 -2.55
C LEU A 39 -7.79 41.65 -2.10
N GLY A 40 -7.25 42.57 -2.91
CA GLY A 40 -7.27 43.97 -2.54
C GLY A 40 -8.68 44.54 -2.49
N ARG A 41 -9.48 44.24 -3.51
CA ARG A 41 -10.83 44.76 -3.62
C ARG A 41 -11.87 43.87 -2.95
N LYS A 42 -11.48 42.68 -2.51
CA LYS A 42 -12.42 41.69 -1.98
C LYS A 42 -13.50 41.37 -2.99
N GLU A 43 -13.10 41.08 -4.23
CA GLU A 43 -14.02 40.86 -5.34
C GLU A 43 -13.70 39.56 -6.04
N THR A 44 -14.74 38.77 -6.30
CA THR A 44 -14.61 37.55 -7.09
C THR A 44 -14.71 37.90 -8.57
N VAL A 45 -13.70 37.54 -9.35
CA VAL A 45 -13.62 37.93 -10.75
C VAL A 45 -13.68 36.67 -11.61
N TRP A 46 -14.81 36.48 -12.27
CA TRP A 46 -15.03 35.28 -13.07
C TRP A 46 -14.33 35.39 -14.41
N CYS A 47 -13.70 34.30 -14.83
CA CYS A 47 -12.99 34.25 -16.10
C CYS A 47 -13.77 33.54 -17.20
N LEU A 48 -14.77 32.74 -16.85
CA LEU A 48 -15.67 32.10 -17.80
C LEU A 48 -17.07 32.67 -17.62
N PRO A 49 -17.64 33.33 -18.62
CA PRO A 49 -18.89 34.09 -18.40
C PRO A 49 -20.05 33.28 -17.83
N VAL A 50 -20.21 32.02 -18.24
CA VAL A 50 -21.33 31.22 -17.75
C VAL A 50 -21.24 30.98 -16.24
N LEU A 51 -20.06 31.18 -15.65
CA LEU A 51 -19.91 30.98 -14.22
C LEU A 51 -20.43 32.15 -13.39
N ARG A 52 -20.76 33.28 -14.03
CA ARG A 52 -21.18 34.47 -13.30
C ARG A 52 -22.52 34.27 -12.60
N GLN A 53 -23.28 33.23 -12.98
CA GLN A 53 -24.52 32.94 -12.28
C GLN A 53 -24.29 32.45 -10.86
N PHE A 54 -23.07 32.05 -10.54
CA PHE A 54 -22.73 31.49 -9.24
C PHE A 54 -22.19 32.59 -8.31
N ARG A 55 -22.06 32.24 -7.03
CA ARG A 55 -21.57 33.13 -6.01
C ARG A 55 -20.40 32.48 -5.27
N PHE A 56 -19.35 33.25 -5.02
CA PHE A 56 -18.26 32.77 -4.18
C PHE A 56 -17.83 33.91 -3.28
N ASP A 57 -17.94 33.69 -1.97
CA ASP A 57 -17.64 34.70 -0.96
C ASP A 57 -16.15 34.99 -0.93
N PRO A 58 -15.71 36.17 -1.40
CA PRO A 58 -14.27 36.46 -1.38
C PRO A 58 -13.66 36.49 0.01
N GLN A 59 -14.48 36.64 1.05
CA GLN A 59 -13.96 36.58 2.42
C GLN A 59 -13.34 35.22 2.72
N PHE A 60 -13.82 34.16 2.08
CA PHE A 60 -13.19 32.85 2.25
C PHE A 60 -11.76 32.88 1.75
N ALA A 61 -11.54 33.46 0.57
CA ALA A 61 -10.19 33.58 0.03
C ALA A 61 -9.29 34.35 0.99
N LEU A 62 -9.81 35.48 1.51
CA LEU A 62 -9.01 36.30 2.43
C LEU A 62 -8.65 35.52 3.69
N THR A 63 -9.61 34.77 4.23
CA THR A 63 -9.33 33.98 5.42
C THR A 63 -8.31 32.91 5.14
N ASN A 64 -8.46 32.21 4.01
CA ASN A 64 -7.53 31.13 3.66
C ASN A 64 -6.11 31.66 3.49
N ILE A 65 -5.95 32.76 2.75
CA ILE A 65 -4.63 33.34 2.54
C ILE A 65 -4.01 33.77 3.86
N ALA A 66 -4.82 34.32 4.76
CA ALA A 66 -4.31 34.70 6.09
C ALA A 66 -3.75 33.48 6.81
N VAL A 67 -4.37 32.32 6.63
CA VAL A 67 -3.85 31.10 7.24
C VAL A 67 -2.55 30.68 6.59
N LEU A 68 -2.46 30.85 5.26
CA LEU A 68 -1.20 30.59 4.55
C LEU A 68 -0.08 31.47 5.09
N LYS A 69 -0.37 32.76 5.30
CA LYS A 69 0.62 33.67 5.85
C LYS A 69 1.18 33.16 7.17
N HIS A 70 0.28 32.81 8.09
CA HIS A 70 0.68 32.26 9.38
C HIS A 70 1.52 31.01 9.21
N ASN A 71 1.03 30.08 8.39
CA ASN A 71 1.71 28.81 8.20
C ASN A 71 3.07 29.00 7.55
N LEU A 72 3.20 29.98 6.65
CA LEU A 72 4.47 30.20 5.97
C LEU A 72 5.56 30.64 6.95
N ASN A 73 5.22 31.52 7.89
CA ASN A 73 6.21 31.97 8.87
C ASN A 73 6.76 30.81 9.67
N SER A 74 5.88 29.91 10.13
CA SER A 74 6.31 28.72 10.87
C SER A 74 7.33 27.92 10.07
N LEU A 75 7.09 27.78 8.77
CA LEU A 75 7.92 26.89 7.95
C LEU A 75 9.23 27.54 7.54
N ILE A 76 9.26 28.87 7.39
CA ILE A 76 10.55 29.53 7.19
C ILE A 76 11.45 29.26 8.38
N LYS A 77 10.88 29.28 9.59
CA LYS A 77 11.63 29.01 10.80
C LYS A 77 12.10 27.56 10.83
N ARG A 78 11.23 26.62 10.43
CA ARG A 78 11.55 25.20 10.55
C ARG A 78 12.41 24.70 9.42
N SER A 79 12.38 25.33 8.25
CA SER A 79 13.27 24.96 7.16
C SER A 79 14.64 25.61 7.27
N ASN A 80 14.88 26.40 8.31
CA ASN A 80 16.11 27.20 8.45
C ASN A 80 16.23 28.22 7.31
N SER A 81 15.12 28.93 7.04
CA SER A 81 15.06 29.92 5.96
C SER A 81 15.56 29.35 4.64
N THR A 82 15.01 28.18 4.29
CA THR A 82 15.31 27.56 3.01
C THR A 82 14.40 28.17 1.96
N ALA A 83 15.01 28.91 1.03
CA ALA A 83 14.28 29.78 0.12
C ALA A 83 14.00 29.10 -1.21
N ALA A 84 13.09 29.70 -1.97
CA ALA A 84 12.70 29.17 -3.26
C ALA A 84 13.89 29.17 -4.21
N THR A 85 13.95 28.14 -5.05
CA THR A 85 14.90 28.10 -6.15
C THR A 85 14.27 28.74 -7.38
N ASN A 86 15.05 29.58 -8.07
CA ASN A 86 14.58 30.26 -9.28
C ASN A 86 14.71 29.32 -10.46
N GLU A 87 13.58 28.88 -11.00
CA GLU A 87 13.61 28.05 -12.20
C GLU A 87 13.78 28.91 -13.44
N VAL A 88 14.20 28.28 -14.53
CA VAL A 88 14.32 28.94 -15.83
C VAL A 88 12.99 28.79 -16.54
N PRO A 89 12.26 29.87 -16.80
CA PRO A 89 10.97 29.75 -17.48
C PRO A 89 11.14 29.57 -18.98
N GLU A 90 10.16 28.90 -19.59
CA GLU A 90 10.11 28.71 -21.03
C GLU A 90 9.03 29.60 -21.61
N VAL A 91 9.33 30.30 -22.70
CA VAL A 91 8.43 31.27 -23.29
C VAL A 91 8.14 30.87 -24.73
N THR A 92 6.86 30.88 -25.09
CA THR A 92 6.42 30.56 -26.45
C THR A 92 5.39 31.59 -26.87
N VAL A 93 5.56 32.16 -28.05
CA VAL A 93 4.60 33.09 -28.63
C VAL A 93 3.95 32.43 -29.83
N PHE A 94 2.63 32.58 -29.94
CA PHE A 94 1.88 32.03 -31.05
C PHE A 94 0.55 32.77 -31.13
N SER A 95 -0.12 32.60 -32.26
CA SER A 95 -1.40 33.28 -32.49
C SER A 95 -2.57 32.37 -32.16
N LYS A 96 -3.70 32.99 -31.83
CA LYS A 96 -4.88 32.23 -31.46
C LYS A 96 -5.47 31.49 -32.67
N SER A 97 -5.44 32.11 -33.84
CA SER A 97 -5.98 31.54 -35.06
C SER A 97 -5.02 31.81 -36.21
N PRO A 98 -5.20 31.17 -37.36
CA PRO A 98 -4.27 31.38 -38.48
C PRO A 98 -4.22 32.85 -38.90
N VAL A 99 -3.05 33.26 -39.37
CA VAL A 99 -2.81 34.67 -39.64
C VAL A 99 -3.41 35.06 -40.99
N THR A 100 -4.30 36.03 -40.96
CA THR A 100 -4.76 36.70 -42.17
C THR A 100 -4.45 38.18 -41.97
N LEU A 101 -3.52 38.70 -42.78
CA LEU A 101 -3.18 40.12 -42.72
C LEU A 101 -4.45 40.96 -42.79
N GLY A 102 -4.66 41.78 -41.77
CA GLY A 102 -5.78 42.69 -41.71
C GLY A 102 -7.02 42.16 -41.03
N GLN A 103 -6.99 40.92 -40.52
CA GLN A 103 -8.14 40.36 -39.85
C GLN A 103 -7.86 40.22 -38.36
N PRO A 104 -8.82 40.54 -37.50
CA PRO A 104 -8.53 40.54 -36.05
C PRO A 104 -8.02 39.19 -35.58
N ASN A 105 -7.01 39.24 -34.72
CA ASN A 105 -6.39 38.04 -34.16
C ASN A 105 -5.91 38.37 -32.75
N ILE A 106 -5.24 37.41 -32.12
CA ILE A 106 -4.73 37.55 -30.76
C ILE A 106 -3.39 36.84 -30.67
N LEU A 107 -2.36 37.54 -30.20
CA LEU A 107 -1.08 36.92 -29.92
C LEU A 107 -1.09 36.36 -28.51
N ILE A 108 -0.54 35.17 -28.36
CA ILE A 108 -0.52 34.46 -27.08
C ILE A 108 0.92 34.25 -26.67
N CYS A 109 1.29 34.77 -25.50
CA CYS A 109 2.61 34.55 -24.92
C CYS A 109 2.47 33.65 -23.71
N LEU A 110 2.91 32.41 -23.84
CA LEU A 110 2.87 31.44 -22.76
C LEU A 110 4.22 31.50 -22.04
N VAL A 111 4.18 31.78 -20.74
CA VAL A 111 5.36 31.69 -19.88
C VAL A 111 5.15 30.50 -18.96
N ASP A 112 5.93 29.44 -19.18
CA ASP A 112 5.78 28.16 -18.52
C ASP A 112 6.93 27.93 -17.54
N ASN A 113 6.73 26.97 -16.63
CA ASN A 113 7.76 26.60 -15.65
C ASN A 113 8.21 27.82 -14.84
N ILE A 114 7.24 28.56 -14.33
CA ILE A 114 7.52 29.75 -13.53
C ILE A 114 7.65 29.33 -12.07
N PHE A 115 8.83 29.60 -11.48
CA PHE A 115 8.94 29.59 -10.02
C PHE A 115 10.17 30.37 -9.60
N PRO A 116 10.06 31.27 -8.61
CA PRO A 116 8.80 31.54 -7.90
C PRO A 116 7.84 32.40 -8.73
N PRO A 117 6.55 32.43 -8.33
CA PRO A 117 5.55 33.20 -9.11
C PRO A 117 5.70 34.71 -9.02
N VAL A 118 6.76 35.21 -9.66
CA VAL A 118 7.02 36.64 -9.83
C VAL A 118 7.55 36.81 -11.24
N VAL A 119 6.90 37.65 -12.05
CA VAL A 119 7.25 37.74 -13.46
C VAL A 119 6.75 39.06 -14.03
N ASN A 120 7.50 39.60 -14.97
CA ASN A 120 7.05 40.70 -15.81
C ASN A 120 6.84 40.17 -17.22
N ILE A 121 5.66 40.44 -17.77
CA ILE A 121 5.37 40.13 -19.16
C ILE A 121 4.88 41.41 -19.81
N THR A 122 5.59 41.85 -20.86
CA THR A 122 5.29 43.08 -21.56
C THR A 122 5.35 42.83 -23.05
N TRP A 123 4.44 43.46 -23.79
CA TRP A 123 4.42 43.33 -25.24
C TRP A 123 5.15 44.51 -25.86
N LEU A 124 6.01 44.21 -26.83
CA LEU A 124 6.75 45.23 -27.56
C LEU A 124 6.31 45.24 -29.01
N SER A 125 6.18 46.43 -29.57
CA SER A 125 6.02 46.60 -31.00
C SER A 125 6.92 47.74 -31.44
N ASN A 126 7.76 47.48 -32.44
CA ASN A 126 8.80 48.41 -32.87
C ASN A 126 9.49 49.05 -31.67
N GLY A 127 9.81 48.24 -30.66
CA GLY A 127 10.51 48.73 -29.49
C GLY A 127 9.64 49.44 -28.46
N HIS A 128 8.41 49.83 -28.80
CA HIS A 128 7.54 50.49 -27.84
C HIS A 128 6.74 49.45 -27.06
N SER A 129 6.56 49.71 -25.77
CA SER A 129 5.71 48.84 -24.96
C SER A 129 4.24 49.04 -25.37
N VAL A 130 3.53 47.94 -25.58
CA VAL A 130 2.13 47.98 -25.94
C VAL A 130 1.30 47.73 -24.68
N THR A 131 0.36 48.64 -24.40
CA THR A 131 -0.53 48.42 -23.26
C THR A 131 -1.96 48.15 -23.68
N GLU A 132 -2.44 48.77 -24.76
CA GLU A 132 -3.81 48.57 -25.20
C GLU A 132 -3.99 47.16 -25.75
N GLY A 133 -5.14 46.56 -25.46
CA GLY A 133 -5.43 45.23 -25.95
C GLY A 133 -4.65 44.11 -25.30
N VAL A 134 -4.14 44.33 -24.09
CA VAL A 134 -3.31 43.36 -23.39
C VAL A 134 -4.06 42.88 -22.15
N SER A 135 -3.98 41.57 -21.90
CA SER A 135 -4.53 40.96 -20.68
C SER A 135 -3.73 39.71 -20.37
N GLU A 136 -4.01 39.11 -19.22
CA GLU A 136 -3.25 37.93 -18.81
C GLU A 136 -4.05 37.10 -17.82
N THR A 137 -3.73 35.81 -17.78
CA THR A 137 -4.30 34.89 -16.82
C THR A 137 -3.58 35.02 -15.48
N SER A 138 -4.05 34.25 -14.50
CA SER A 138 -3.38 34.18 -13.20
C SER A 138 -2.20 33.22 -13.28
N PHE A 139 -1.51 33.05 -12.16
CA PHE A 139 -0.48 32.03 -12.06
C PHE A 139 -1.16 30.67 -11.98
N LEU A 140 -1.28 30.01 -13.12
CA LEU A 140 -1.99 28.74 -13.21
C LEU A 140 -1.11 27.61 -12.72
N SER A 141 -1.69 26.73 -11.92
CA SER A 141 -0.92 25.71 -11.21
C SER A 141 -0.46 24.61 -12.15
N LYS A 142 0.59 23.92 -11.73
CA LYS A 142 1.07 22.72 -12.40
C LYS A 142 1.37 21.67 -11.33
N SER A 143 1.35 20.40 -11.74
CA SER A 143 1.48 19.31 -10.78
C SER A 143 2.88 19.21 -10.15
N ASP A 144 3.89 19.83 -10.75
CA ASP A 144 5.19 19.94 -10.08
C ASP A 144 5.30 21.22 -9.26
N HIS A 145 4.18 21.93 -9.09
CA HIS A 145 4.03 23.07 -8.19
C HIS A 145 4.77 24.31 -8.68
N SER A 146 5.26 24.30 -9.91
CA SER A 146 5.58 25.54 -10.60
C SER A 146 4.29 26.11 -11.19
N PHE A 147 4.42 27.20 -11.93
CA PHE A 147 3.25 27.87 -12.47
C PHE A 147 3.45 28.18 -13.93
N PHE A 148 2.35 28.45 -14.63
CA PHE A 148 2.43 29.12 -15.91
C PHE A 148 1.47 30.30 -15.93
N LYS A 149 1.73 31.19 -16.88
CA LYS A 149 0.97 32.42 -17.03
C LYS A 149 0.93 32.75 -18.51
N ILE A 150 -0.21 33.23 -18.98
CA ILE A 150 -0.41 33.50 -20.40
C ILE A 150 -0.87 34.94 -20.57
N SER A 151 -0.24 35.67 -21.49
CA SER A 151 -0.59 37.05 -21.78
C SER A 151 -1.14 37.14 -23.21
N TYR A 152 -2.04 38.09 -23.43
CA TYR A 152 -2.76 38.18 -24.69
C TYR A 152 -2.64 39.57 -25.26
N LEU A 153 -2.38 39.66 -26.57
CA LEU A 153 -2.34 40.93 -27.27
C LEU A 153 -3.26 40.83 -28.48
N THR A 154 -4.38 41.55 -28.45
CA THR A 154 -5.24 41.65 -29.63
C THR A 154 -4.59 42.56 -30.65
N LEU A 155 -4.79 42.26 -31.93
CA LEU A 155 -4.10 43.01 -32.97
C LEU A 155 -4.73 42.75 -34.32
N LEU A 156 -4.47 43.68 -35.25
CA LEU A 156 -4.63 43.42 -36.67
C LEU A 156 -3.27 43.12 -37.25
N PRO A 157 -2.98 41.89 -37.68
CA PRO A 157 -1.65 41.60 -38.24
C PRO A 157 -1.42 42.34 -39.55
N SER A 158 -0.24 42.95 -39.68
CA SER A 158 0.11 43.69 -40.87
C SER A 158 1.54 43.37 -41.28
N ALA A 159 1.80 43.38 -42.59
CA ALA A 159 3.08 42.93 -43.12
C ALA A 159 4.26 43.68 -42.51
N GLU A 160 4.04 44.90 -42.03
CA GLU A 160 5.13 45.76 -41.59
C GLU A 160 5.23 45.89 -40.09
N GLU A 161 4.45 45.14 -39.31
CA GLU A 161 4.38 45.31 -37.87
C GLU A 161 4.67 43.97 -37.20
N SER A 162 5.71 43.95 -36.37
CA SER A 162 6.17 42.75 -35.68
C SER A 162 6.18 42.99 -34.18
N TYR A 163 6.32 41.90 -33.41
CA TYR A 163 6.16 41.97 -31.97
C TYR A 163 7.18 41.09 -31.28
N ASP A 164 7.43 41.42 -30.01
CA ASP A 164 8.19 40.61 -29.08
C ASP A 164 7.40 40.44 -27.80
N CYS A 165 7.43 39.25 -27.23
CA CYS A 165 7.03 39.05 -25.84
C CYS A 165 8.29 39.15 -24.99
N LYS A 166 8.29 40.08 -24.03
CA LYS A 166 9.44 40.30 -23.18
C LYS A 166 9.13 39.77 -21.80
N VAL A 167 9.96 38.84 -21.33
CA VAL A 167 9.75 38.14 -20.06
C VAL A 167 10.93 38.42 -19.14
N GLU A 168 10.64 38.94 -17.95
CA GLU A 168 11.65 39.17 -16.92
C GLU A 168 11.39 38.25 -15.75
N HIS A 169 12.41 37.51 -15.32
CA HIS A 169 12.30 36.57 -14.22
C HIS A 169 13.67 36.38 -13.59
N TRP A 170 13.69 36.20 -12.27
CA TRP A 170 14.95 36.02 -11.56
C TRP A 170 15.70 34.78 -12.00
N GLY A 171 15.02 33.82 -12.61
CA GLY A 171 15.69 32.65 -13.15
C GLY A 171 16.40 32.88 -14.47
N LEU A 172 16.23 34.06 -15.06
CA LEU A 172 16.81 34.40 -16.34
C LEU A 172 18.01 35.30 -16.16
N ASP A 173 19.02 35.12 -17.02
CA ASP A 173 20.18 35.99 -16.98
C ASP A 173 19.82 37.39 -17.46
N LYS A 174 19.21 37.49 -18.63
CA LYS A 174 18.75 38.74 -19.20
C LYS A 174 17.26 38.63 -19.48
N PRO A 175 16.57 39.74 -19.74
CA PRO A 175 15.20 39.64 -20.22
C PRO A 175 15.16 38.76 -21.47
N LEU A 176 14.13 37.96 -21.55
CA LEU A 176 13.94 37.04 -22.67
C LEU A 176 12.94 37.67 -23.62
N LEU A 177 13.38 37.95 -24.85
CA LEU A 177 12.49 38.43 -25.88
C LEU A 177 12.13 37.27 -26.80
N LYS A 178 10.83 37.10 -27.04
CA LYS A 178 10.31 36.06 -27.93
C LYS A 178 9.52 36.75 -29.04
N HIS A 179 9.96 36.54 -30.28
CA HIS A 179 9.55 37.38 -31.41
C HIS A 179 8.51 36.68 -32.26
N TRP A 180 7.63 37.48 -32.87
CA TRP A 180 6.58 37.00 -33.75
C TRP A 180 6.46 37.94 -34.94
N GLU A 181 6.41 37.37 -36.13
CA GLU A 181 6.22 38.11 -37.36
C GLU A 181 5.14 37.44 -38.19
N PRO A 182 4.32 38.20 -38.93
CA PRO A 182 3.42 37.56 -39.88
C PRO A 182 4.10 37.21 -41.21
N GLN B 1 -23.39 28.47 -5.23
CA GLN B 1 -22.16 28.75 -4.52
C GLN B 1 -21.18 27.58 -4.65
N PRO B 2 -20.04 27.81 -5.29
CA PRO B 2 -18.94 26.83 -5.23
C PRO B 2 -18.43 26.72 -3.80
N PHE B 3 -18.35 25.48 -3.29
CA PHE B 3 -17.84 25.21 -1.95
C PHE B 3 -16.35 24.91 -2.03
N PRO B 4 -15.53 25.52 -1.17
CA PRO B 4 -14.07 25.40 -1.30
C PRO B 4 -13.40 24.64 -0.16
N GLN B 5 -12.08 24.46 -0.23
CA GLN B 5 -11.35 23.68 0.77
C GLN B 5 -10.46 24.57 1.60
N PRO B 6 -10.72 24.72 2.91
CA PRO B 6 -9.88 25.58 3.75
C PRO B 6 -8.62 24.89 4.26
N GLU B 7 -7.54 25.67 4.31
CA GLU B 7 -6.30 25.22 4.94
C GLU B 7 -6.43 25.37 6.46
N GLN B 8 -5.67 24.50 7.21
CA GLN B 8 -5.67 24.54 8.67
C GLN B 8 -4.43 25.26 9.18
N PRO B 9 -4.50 25.96 10.31
CA PRO B 9 -3.29 26.62 10.83
C PRO B 9 -2.37 25.62 11.52
N PHE B 10 -1.07 25.83 11.37
CA PHE B 10 -0.08 25.10 12.14
C PHE B 10 -0.25 25.41 13.61
N GLU C 5 14.11 1.51 7.25
CA GLU C 5 14.83 0.60 8.15
C GLU C 5 14.25 0.60 9.55
N VAL C 6 13.90 -0.60 10.02
CA VAL C 6 13.42 -0.85 11.37
C VAL C 6 14.32 -1.91 11.98
N GLU C 7 14.85 -1.62 13.17
CA GLU C 7 15.79 -2.52 13.84
C GLU C 7 15.25 -2.87 15.21
N GLN C 8 15.23 -4.17 15.50
CA GLN C 8 14.66 -4.64 16.75
C GLN C 8 15.73 -5.41 17.52
N ASP C 9 15.47 -5.59 18.82
CA ASP C 9 16.25 -6.49 19.65
C ASP C 9 16.47 -7.77 18.87
N PRO C 10 17.70 -8.12 18.60
CA PRO C 10 18.02 -9.09 17.54
C PRO C 10 18.19 -10.50 18.09
N GLY C 11 17.30 -10.93 18.98
CA GLY C 11 17.46 -12.20 19.64
C GLY C 11 16.31 -12.67 20.49
N PRO C 12 16.22 -13.99 20.60
CA PRO C 12 15.24 -14.62 21.49
C PRO C 12 15.39 -14.13 22.91
N PHE C 13 14.27 -13.71 23.49
CA PHE C 13 14.19 -13.37 24.91
C PHE C 13 13.67 -14.59 25.65
N ASN C 14 14.51 -15.17 26.52
CA ASN C 14 14.10 -16.29 27.38
C ASN C 14 13.87 -15.73 28.78
N VAL C 15 12.63 -15.78 29.24
CA VAL C 15 12.17 -15.00 30.38
C VAL C 15 11.39 -15.93 31.30
N PRO C 16 11.60 -15.88 32.61
CA PRO C 16 10.75 -16.66 33.52
C PRO C 16 9.40 -16.00 33.66
N GLU C 17 8.38 -16.83 33.87
CA GLU C 17 7.03 -16.31 34.07
C GLU C 17 7.03 -15.32 35.23
N GLY C 18 6.37 -14.18 35.01
CA GLY C 18 6.28 -13.13 36.00
C GLY C 18 7.26 -12.00 35.80
N ALA C 19 8.31 -12.22 35.01
CA ALA C 19 9.27 -11.15 34.77
C ALA C 19 8.66 -10.07 33.89
N THR C 20 9.22 -8.87 34.00
CA THR C 20 8.84 -7.76 33.14
C THR C 20 9.83 -7.67 31.98
N VAL C 21 9.30 -7.50 30.78
CA VAL C 21 10.08 -7.59 29.54
C VAL C 21 10.05 -6.25 28.82
N ALA C 22 11.21 -5.82 28.33
CA ALA C 22 11.33 -4.58 27.58
C ALA C 22 11.80 -4.91 26.16
N PHE C 23 11.00 -4.51 25.16
CA PHE C 23 11.38 -4.60 23.76
C PHE C 23 11.80 -3.24 23.25
N ASN C 24 12.84 -3.19 22.45
CA ASN C 24 13.28 -1.93 21.87
C ASN C 24 13.34 -2.03 20.35
N CYS C 25 13.11 -0.90 19.70
CA CYS C 25 13.06 -0.81 18.25
C CYS C 25 13.44 0.59 17.84
N THR C 26 14.29 0.71 16.82
CA THR C 26 14.70 2.01 16.30
C THR C 26 14.36 2.10 14.82
N TYR C 27 14.07 3.33 14.38
CA TYR C 27 13.76 3.61 12.99
C TYR C 27 14.66 4.74 12.51
N SER C 28 15.04 4.69 11.23
CA SER C 28 16.01 5.65 10.72
C SER C 28 15.36 6.86 10.07
N ASN C 29 14.13 6.74 9.57
CA ASN C 29 13.47 7.83 8.87
C ASN C 29 12.79 8.75 9.89
N SER C 30 13.33 9.97 10.03
CA SER C 30 12.77 10.91 10.99
C SER C 30 11.34 11.30 10.65
N ALA C 31 10.96 11.18 9.38
CA ALA C 31 9.61 11.57 8.95
C ALA C 31 8.55 10.54 9.28
N SER C 32 8.96 9.37 9.79
CA SER C 32 8.03 8.30 10.15
C SER C 32 6.92 8.84 11.04
N GLN C 33 5.68 8.53 10.68
CA GLN C 33 4.52 9.18 11.27
C GLN C 33 3.84 8.37 12.37
N SER C 34 3.58 7.09 12.13
CA SER C 34 2.85 6.28 13.09
C SER C 34 3.62 5.00 13.37
N PHE C 35 3.31 4.39 14.51
CA PHE C 35 4.11 3.29 15.04
C PHE C 35 3.20 2.31 15.76
N PHE C 36 3.49 1.02 15.61
CA PHE C 36 2.63 -0.02 16.12
C PHE C 36 3.47 -1.20 16.59
N TRP C 37 2.95 -1.93 17.57
CA TRP C 37 3.45 -3.25 17.91
C TRP C 37 2.43 -4.28 17.46
N TYR C 38 2.88 -5.28 16.72
CA TYR C 38 2.06 -6.42 16.36
C TYR C 38 2.60 -7.66 17.06
N ARG C 39 1.73 -8.65 17.24
CA ARG C 39 2.05 -9.88 17.95
C ARG C 39 1.78 -11.06 17.02
N GLN C 40 2.71 -12.01 16.95
CA GLN C 40 2.60 -13.12 16.00
C GLN C 40 3.01 -14.43 16.66
N ASP C 41 2.05 -15.32 16.83
CA ASP C 41 2.35 -16.65 17.33
C ASP C 41 3.04 -17.47 16.24
N CYS C 42 3.75 -18.51 16.67
CA CYS C 42 4.52 -19.34 15.75
C CYS C 42 3.64 -19.82 14.60
N ARG C 43 4.13 -19.60 13.37
CA ARG C 43 3.50 -19.94 12.08
C ARG C 43 2.07 -19.40 11.93
N LYS C 44 1.68 -18.39 12.70
CA LYS C 44 0.36 -17.80 12.56
C LYS C 44 0.48 -16.39 11.98
N GLU C 45 -0.65 -15.65 12.02
CA GLU C 45 -0.75 -14.33 11.44
C GLU C 45 -0.44 -13.25 12.48
N PRO C 46 0.03 -12.08 12.04
CA PRO C 46 0.24 -10.98 12.98
C PRO C 46 -1.09 -10.40 13.46
N LYS C 47 -1.09 -9.91 14.69
CA LYS C 47 -2.26 -9.25 15.25
C LYS C 47 -1.83 -7.92 15.82
N LEU C 48 -2.57 -6.85 15.48
CA LEU C 48 -2.32 -5.54 16.07
C LEU C 48 -2.39 -5.65 17.59
N LEU C 49 -1.32 -5.25 18.28
CA LEU C 49 -1.29 -5.22 19.73
C LEU C 49 -1.62 -3.84 20.28
N MET C 50 -0.93 -2.81 19.81
CA MET C 50 -1.25 -1.45 20.22
C MET C 50 -0.54 -0.47 19.30
N SER C 51 -1.13 0.72 19.20
CA SER C 51 -0.47 1.89 18.63
C SER C 51 0.45 2.49 19.68
N VAL C 52 1.43 3.27 19.21
CA VAL C 52 2.48 3.82 20.06
C VAL C 52 2.40 5.34 20.04
N TYR C 53 2.54 5.95 21.21
CA TYR C 53 2.45 7.39 21.35
C TYR C 53 3.56 7.89 22.27
N SER C 54 3.83 9.20 22.19
CA SER C 54 4.91 9.77 22.99
C SER C 54 4.54 9.79 24.45
N SER C 55 3.26 9.95 24.75
CA SER C 55 2.81 9.88 26.13
C SER C 55 3.04 8.50 26.70
N GLY C 56 3.06 7.47 25.86
CA GLY C 56 2.98 6.12 26.37
C GLY C 56 1.57 5.60 26.39
N ASN C 57 1.24 4.71 25.45
CA ASN C 57 -0.03 3.99 25.47
C ASN C 57 0.07 2.86 26.48
N GLU C 58 -0.86 2.82 27.43
CA GLU C 58 -0.89 1.78 28.46
C GLU C 58 -2.22 1.05 28.38
N ASP C 59 -2.17 -0.28 28.47
CA ASP C 59 -3.34 -1.13 28.33
C ASP C 59 -3.05 -2.44 29.04
N GLY C 60 -3.52 -2.55 30.28
CA GLY C 60 -3.24 -3.72 31.09
C GLY C 60 -1.76 -3.87 31.40
N ARG C 61 -1.22 -5.05 31.07
CA ARG C 61 0.19 -5.31 31.34
C ARG C 61 1.11 -4.73 30.28
N PHE C 62 0.57 -4.06 29.28
CA PHE C 62 1.33 -3.61 28.12
C PHE C 62 1.45 -2.10 28.13
N THR C 63 2.67 -1.61 27.89
CA THR C 63 2.95 -0.20 27.70
C THR C 63 3.84 -0.04 26.49
N ALA C 64 3.46 0.86 25.59
CA ALA C 64 4.25 1.20 24.43
C ALA C 64 4.55 2.69 24.43
N GLN C 65 5.77 3.06 24.04
CA GLN C 65 6.13 4.48 24.09
C GLN C 65 7.07 4.83 22.95
N LEU C 66 6.97 6.08 22.52
CA LEU C 66 7.72 6.62 21.39
C LEU C 66 8.63 7.74 21.90
N ASN C 67 9.86 7.77 21.40
CA ASN C 67 10.76 8.90 21.62
C ASN C 67 11.27 9.36 20.26
N ARG C 68 10.75 10.50 19.79
CA ARG C 68 11.12 10.98 18.47
C ARG C 68 12.52 11.58 18.46
N ALA C 69 12.99 12.10 19.60
CA ALA C 69 14.34 12.66 19.64
C ALA C 69 15.40 11.59 19.38
N SER C 70 15.22 10.42 19.98
CA SER C 70 16.13 9.30 19.84
C SER C 70 15.69 8.29 18.78
N GLN C 71 14.46 8.44 18.28
CA GLN C 71 13.89 7.55 17.28
C GLN C 71 13.86 6.11 17.80
N TYR C 72 13.37 5.98 19.03
CA TYR C 72 13.16 4.71 19.71
C TYR C 72 11.67 4.44 19.89
N ILE C 73 11.33 3.16 19.80
CA ILE C 73 10.00 2.65 20.12
C ILE C 73 10.19 1.52 21.12
N SER C 74 9.34 1.46 22.14
CA SER C 74 9.48 0.41 23.14
C SER C 74 8.12 -0.21 23.46
N LEU C 75 8.19 -1.46 23.92
CA LEU C 75 7.04 -2.19 24.44
C LEU C 75 7.45 -2.83 25.75
N LEU C 76 6.63 -2.66 26.77
CA LEU C 76 6.87 -3.27 28.08
C LEU C 76 5.76 -4.26 28.37
N ILE C 77 6.14 -5.46 28.79
CA ILE C 77 5.18 -6.48 29.21
C ILE C 77 5.44 -6.75 30.69
N ARG C 78 4.56 -6.24 31.54
CA ARG C 78 4.65 -6.53 32.96
C ARG C 78 4.04 -7.89 33.27
N ASP C 79 4.59 -8.56 34.28
CA ASP C 79 4.08 -9.82 34.81
C ASP C 79 3.78 -10.81 33.69
N SER C 80 4.85 -11.22 33.02
CA SER C 80 4.73 -12.00 31.79
C SER C 80 4.05 -13.35 32.06
N LYS C 81 3.14 -13.71 31.17
CA LYS C 81 2.44 -14.98 31.23
C LYS C 81 2.96 -15.90 30.12
N LEU C 82 2.81 -17.21 30.34
CA LEU C 82 3.13 -18.18 29.29
C LEU C 82 2.49 -17.81 27.97
N SER C 83 1.28 -17.25 28.02
CA SER C 83 0.56 -16.92 26.81
C SER C 83 1.19 -15.76 26.05
N ASP C 84 2.08 -15.00 26.68
CA ASP C 84 2.77 -13.92 25.99
C ASP C 84 3.83 -14.43 25.02
N SER C 85 4.10 -15.73 25.00
CA SER C 85 5.12 -16.30 24.12
C SER C 85 4.74 -16.08 22.66
N ALA C 86 5.47 -15.20 21.99
CA ALA C 86 5.18 -14.84 20.60
C ALA C 86 6.34 -14.01 20.09
N THR C 87 6.28 -13.71 18.79
CA THR C 87 7.25 -12.84 18.14
C THR C 87 6.64 -11.44 18.03
N TYR C 88 7.30 -10.45 18.61
CA TYR C 88 6.74 -9.11 18.71
C TYR C 88 7.36 -8.22 17.64
N LEU C 89 6.50 -7.71 16.76
CA LEU C 89 6.93 -7.00 15.57
C LEU C 89 6.78 -5.50 15.75
N CYS C 90 7.86 -4.77 15.52
CA CYS C 90 7.82 -3.32 15.46
C CYS C 90 7.45 -2.90 14.04
N VAL C 91 6.44 -2.05 13.91
CA VAL C 91 5.89 -1.67 12.61
C VAL C 91 5.86 -0.16 12.50
N VAL C 92 6.48 0.36 11.45
CA VAL C 92 6.74 1.80 11.30
C VAL C 92 6.13 2.26 9.99
N MET C 93 5.30 3.29 10.06
CA MET C 93 4.59 3.81 8.90
C MET C 93 5.16 5.16 8.52
N GLY C 94 5.69 5.26 7.30
CA GLY C 94 6.05 6.53 6.69
C GLY C 94 5.21 6.77 5.46
N PHE C 95 5.56 7.85 4.75
CA PHE C 95 4.82 8.20 3.55
C PHE C 95 4.91 7.08 2.52
N GLN C 96 3.75 6.46 2.25
CA GLN C 96 3.59 5.35 1.32
C GLN C 96 4.58 4.22 1.58
N LYS C 97 4.84 3.88 2.84
CA LYS C 97 5.59 2.67 3.13
C LYS C 97 5.33 2.25 4.57
N LEU C 98 4.82 1.04 4.73
CA LEU C 98 4.59 0.42 6.04
C LEU C 98 5.60 -0.71 6.19
N VAL C 99 6.51 -0.58 7.15
CA VAL C 99 7.64 -1.49 7.28
C VAL C 99 7.44 -2.35 8.52
N PHE C 100 7.39 -3.67 8.33
CA PHE C 100 7.37 -4.60 9.44
C PHE C 100 8.80 -4.97 9.81
N GLY C 101 9.12 -4.84 11.09
CA GLY C 101 10.37 -5.36 11.59
C GLY C 101 10.42 -6.86 11.52
N THR C 102 11.64 -7.40 11.67
CA THR C 102 11.84 -8.84 11.64
C THR C 102 11.38 -9.52 12.93
N GLY C 103 11.19 -8.76 13.99
CA GLY C 103 10.53 -9.24 15.19
C GLY C 103 11.51 -9.66 16.27
N THR C 104 11.04 -9.65 17.52
CA THR C 104 11.78 -10.20 18.65
C THR C 104 10.96 -11.33 19.24
N ARG C 105 11.55 -12.52 19.29
CA ARG C 105 10.84 -13.68 19.83
C ARG C 105 10.97 -13.71 21.35
N LEU C 106 9.84 -13.91 22.02
CA LEU C 106 9.78 -13.98 23.47
C LEU C 106 9.30 -15.36 23.89
N LEU C 107 10.06 -16.02 24.76
CA LEU C 107 9.71 -17.33 25.28
C LEU C 107 9.59 -17.24 26.79
N VAL C 108 8.38 -17.45 27.29
CA VAL C 108 8.09 -17.35 28.72
C VAL C 108 8.03 -18.76 29.30
N SER C 109 8.98 -19.05 30.22
CA SER C 109 9.10 -20.36 30.86
C SER C 109 8.35 -20.38 32.19
N PRO C 110 7.80 -21.54 32.56
CA PRO C 110 7.07 -21.62 33.82
C PRO C 110 8.01 -21.68 35.01
N ASN C 111 7.50 -21.22 36.14
CA ASN C 111 8.25 -21.28 37.40
C ASN C 111 7.85 -22.58 38.09
N ILE C 112 8.63 -23.62 37.85
CA ILE C 112 8.33 -24.95 38.39
C ILE C 112 8.62 -24.97 39.88
N GLN C 113 7.55 -24.96 40.68
CA GLN C 113 7.69 -24.85 42.13
C GLN C 113 8.43 -26.06 42.72
N ASN C 114 7.87 -27.26 42.55
CA ASN C 114 8.42 -28.49 43.12
C ASN C 114 8.82 -29.45 42.01
N PRO C 115 10.06 -29.39 41.53
CA PRO C 115 10.45 -30.22 40.38
C PRO C 115 10.50 -31.70 40.75
N ASP C 116 9.96 -32.54 39.85
CA ASP C 116 9.92 -33.99 40.07
C ASP C 116 10.47 -34.74 38.86
N PRO C 117 11.70 -34.41 38.43
CA PRO C 117 12.17 -34.88 37.10
C PRO C 117 12.23 -36.39 37.01
N ALA C 118 11.54 -36.92 35.98
CA ALA C 118 11.44 -38.36 35.80
C ALA C 118 11.50 -38.69 34.31
N VAL C 119 11.77 -39.96 34.02
CA VAL C 119 11.77 -40.49 32.66
C VAL C 119 10.91 -41.74 32.67
N TYR C 120 9.66 -41.62 32.24
CA TYR C 120 8.78 -42.76 32.15
C TYR C 120 8.86 -43.38 30.75
N GLN C 121 8.23 -44.55 30.61
CA GLN C 121 8.11 -45.25 29.35
C GLN C 121 6.64 -45.58 29.14
N LEU C 122 6.12 -45.30 27.94
CA LEU C 122 4.70 -45.35 27.66
C LEU C 122 4.43 -46.27 26.48
N ARG C 123 3.37 -47.07 26.59
CA ARG C 123 3.07 -48.12 25.63
C ARG C 123 1.92 -47.73 24.71
N ASP C 124 2.02 -48.20 23.47
CA ASP C 124 1.00 -47.96 22.44
C ASP C 124 -0.32 -48.58 22.85
N SER C 125 -1.41 -47.83 22.66
CA SER C 125 -2.73 -48.34 23.02
C SER C 125 -3.18 -49.42 22.05
N LYS C 126 -3.29 -49.07 20.76
CA LYS C 126 -3.78 -50.04 19.78
C LYS C 126 -2.74 -51.11 19.50
N SER C 127 -1.55 -50.71 19.08
CA SER C 127 -0.50 -51.66 18.76
C SER C 127 0.23 -52.09 20.02
N SER C 128 1.19 -52.99 19.86
CA SER C 128 1.98 -53.50 20.97
C SER C 128 3.45 -53.28 20.69
N ASP C 129 4.25 -53.34 21.77
CA ASP C 129 5.70 -53.20 21.77
C ASP C 129 6.15 -51.76 21.53
N LYS C 130 5.55 -51.09 20.54
CA LYS C 130 5.89 -49.72 20.20
C LYS C 130 5.80 -48.82 21.44
N SER C 131 6.89 -48.13 21.76
CA SER C 131 6.96 -47.33 22.98
C SER C 131 7.68 -46.01 22.72
N VAL C 132 7.35 -45.02 23.56
CA VAL C 132 8.05 -43.75 23.60
C VAL C 132 8.48 -43.48 25.03
N CYS C 133 9.48 -42.62 25.18
CA CYS C 133 10.00 -42.23 26.49
C CYS C 133 9.61 -40.79 26.79
N LEU C 134 9.09 -40.55 27.97
CA LEU C 134 8.64 -39.22 28.39
C LEU C 134 9.55 -38.73 29.50
N PHE C 135 10.37 -37.71 29.19
CA PHE C 135 11.09 -36.94 30.19
C PHE C 135 10.19 -35.79 30.61
N THR C 136 9.86 -35.71 31.89
CA THR C 136 8.88 -34.74 32.34
C THR C 136 9.26 -34.17 33.70
N ASP C 137 8.50 -33.14 34.09
CA ASP C 137 8.51 -32.55 35.43
C ASP C 137 9.87 -31.98 35.83
N PHE C 138 10.75 -31.71 34.86
CA PHE C 138 11.98 -31.01 35.17
C PHE C 138 11.73 -29.51 35.24
N ASP C 139 12.69 -28.80 35.84
CA ASP C 139 12.59 -27.35 35.97
C ASP C 139 12.99 -26.67 34.66
N SER C 140 12.63 -25.39 34.55
CA SER C 140 12.75 -24.69 33.27
C SER C 140 14.19 -24.40 32.87
N GLN C 141 15.14 -24.50 33.80
CA GLN C 141 16.54 -24.24 33.42
C GLN C 141 17.09 -25.36 32.55
N THR C 142 16.49 -26.54 32.61
CA THR C 142 17.02 -27.69 31.91
C THR C 142 16.80 -27.54 30.42
N ASN C 143 17.89 -27.58 29.65
CA ASN C 143 17.77 -27.66 28.20
C ASN C 143 17.68 -29.12 27.78
N VAL C 144 16.96 -29.35 26.68
CA VAL C 144 16.83 -30.68 26.09
C VAL C 144 17.44 -30.63 24.69
N SER C 145 18.42 -31.50 24.45
CA SER C 145 19.23 -31.45 23.24
C SER C 145 18.76 -32.53 22.27
N GLN C 146 18.45 -32.10 21.04
CA GLN C 146 18.04 -33.01 19.98
C GLN C 146 19.12 -34.05 19.73
N SER C 147 18.69 -35.23 19.28
CA SER C 147 19.60 -36.32 19.01
C SER C 147 20.52 -35.97 17.85
N LYS C 148 21.65 -36.67 17.79
CA LYS C 148 22.54 -36.62 16.63
C LYS C 148 22.70 -38.00 16.01
N ASP C 149 21.93 -38.98 16.49
CA ASP C 149 21.78 -40.23 15.78
C ASP C 149 20.51 -40.13 14.94
N SER C 150 20.59 -40.59 13.70
CA SER C 150 19.44 -40.57 12.82
C SER C 150 18.43 -41.66 13.15
N ASP C 151 18.74 -42.53 14.10
CA ASP C 151 17.81 -43.57 14.53
C ASP C 151 16.96 -43.14 15.71
N VAL C 152 17.37 -42.08 16.41
CA VAL C 152 16.76 -41.68 17.67
C VAL C 152 16.16 -40.29 17.49
N TYR C 153 14.94 -40.11 17.97
CA TYR C 153 14.22 -38.85 17.81
C TYR C 153 13.95 -38.24 19.18
N ILE C 154 14.37 -36.99 19.38
CA ILE C 154 14.12 -36.26 20.62
C ILE C 154 13.43 -34.96 20.27
N THR C 155 12.27 -34.71 20.86
CA THR C 155 11.58 -33.45 20.64
C THR C 155 12.08 -32.40 21.60
N ASP C 156 11.77 -31.15 21.28
CA ASP C 156 12.11 -30.05 22.17
C ASP C 156 11.26 -30.09 23.42
N LYS C 157 11.68 -29.30 24.40
CA LYS C 157 10.89 -29.05 25.59
C LYS C 157 9.52 -28.48 25.20
N CYS C 158 8.53 -28.72 26.07
CA CYS C 158 7.16 -28.30 25.80
C CYS C 158 6.46 -28.09 27.13
N VAL C 159 5.84 -26.93 27.34
CA VAL C 159 5.16 -26.59 28.58
C VAL C 159 3.67 -26.86 28.42
N LEU C 160 3.11 -27.71 29.29
CA LEU C 160 1.67 -27.84 29.38
C LEU C 160 1.17 -27.22 30.68
N ASP C 161 -0.09 -26.82 30.68
CA ASP C 161 -0.69 -26.07 31.78
C ASP C 161 -2.03 -26.73 32.09
N MET C 162 -2.08 -27.46 33.20
CA MET C 162 -3.33 -28.04 33.69
C MET C 162 -4.06 -26.96 34.47
N ARG C 163 -4.93 -26.21 33.79
CA ARG C 163 -5.42 -24.95 34.30
C ARG C 163 -6.22 -25.12 35.59
N SER C 164 -7.20 -26.04 35.60
CA SER C 164 -8.04 -26.18 36.77
C SER C 164 -7.25 -26.62 38.00
N MET C 165 -6.05 -27.17 37.80
CA MET C 165 -5.18 -27.60 38.89
C MET C 165 -4.05 -26.61 39.16
N ASP C 166 -4.03 -25.47 38.47
CA ASP C 166 -2.95 -24.49 38.54
C ASP C 166 -1.58 -25.17 38.52
N PHE C 167 -1.40 -26.15 37.63
CA PHE C 167 -0.18 -26.95 37.57
C PHE C 167 0.42 -26.86 36.17
N LYS C 168 1.72 -26.61 36.10
CA LYS C 168 2.43 -26.51 34.84
C LYS C 168 3.62 -27.47 34.84
N SER C 169 3.91 -28.08 33.70
CA SER C 169 5.02 -29.03 33.66
C SER C 169 5.70 -29.01 32.30
N ASN C 170 7.03 -29.19 32.32
CA ASN C 170 7.79 -29.38 31.10
C ASN C 170 7.85 -30.87 30.76
N SER C 171 7.93 -31.16 29.47
CA SER C 171 8.15 -32.54 29.06
C SER C 171 8.83 -32.58 27.70
N ALA C 172 9.38 -33.74 27.38
CA ALA C 172 9.99 -34.01 26.09
C ALA C 172 9.82 -35.49 25.79
N VAL C 173 9.80 -35.81 24.49
CA VAL C 173 9.49 -37.17 24.04
C VAL C 173 10.66 -37.68 23.20
N ALA C 174 11.05 -38.93 23.45
CA ALA C 174 12.03 -39.63 22.63
C ALA C 174 11.48 -40.99 22.21
N TRP C 175 11.82 -41.42 21.00
CA TRP C 175 11.42 -42.73 20.52
C TRP C 175 12.40 -43.21 19.47
N SER C 176 12.37 -44.51 19.19
CA SER C 176 13.26 -45.08 18.21
C SER C 176 12.68 -46.38 17.67
N ASN C 177 13.02 -46.68 16.42
CA ASN C 177 12.71 -48.00 15.87
C ASN C 177 13.72 -49.04 16.30
N LYS C 178 14.85 -48.61 16.88
CA LYS C 178 15.99 -49.49 17.09
C LYS C 178 15.79 -50.34 18.34
N SER C 179 16.15 -51.62 18.26
CA SER C 179 15.99 -52.50 19.39
C SER C 179 16.94 -52.14 20.52
N ASP C 180 18.10 -51.57 20.17
CA ASP C 180 19.09 -51.22 21.18
C ASP C 180 18.53 -50.21 22.18
N PHE C 181 17.62 -49.36 21.72
CA PHE C 181 17.29 -48.13 22.41
C PHE C 181 16.46 -48.38 23.67
N ALA C 182 16.80 -47.65 24.74
CA ALA C 182 16.12 -47.79 26.02
C ALA C 182 15.95 -46.42 26.66
N CYS C 183 14.89 -46.27 27.45
CA CYS C 183 14.59 -44.98 28.05
C CYS C 183 15.62 -44.56 29.10
N ALA C 184 16.43 -45.51 29.59
CA ALA C 184 17.45 -45.14 30.57
C ALA C 184 18.49 -44.20 29.97
N ASN C 185 18.81 -44.39 28.69
CA ASN C 185 19.85 -43.62 28.03
C ASN C 185 19.32 -42.64 27.01
N ALA C 186 18.00 -42.58 26.81
CA ALA C 186 17.43 -41.75 25.75
C ALA C 186 17.88 -40.31 25.86
N PHE C 187 17.98 -39.79 27.08
CA PHE C 187 18.22 -38.37 27.28
C PHE C 187 19.62 -38.08 27.82
N ASN C 188 20.52 -39.07 27.74
CA ASN C 188 21.91 -38.87 28.14
C ASN C 188 22.66 -37.92 27.21
N ASN C 189 22.01 -37.46 26.14
CA ASN C 189 22.59 -36.44 25.28
C ASN C 189 22.29 -35.04 25.76
N SER C 190 21.44 -34.90 26.76
CA SER C 190 21.09 -33.61 27.33
C SER C 190 21.39 -33.67 28.81
N ILE C 191 21.91 -32.57 29.37
CA ILE C 191 22.06 -32.45 30.80
C ILE C 191 20.76 -32.87 31.46
N ILE C 192 20.80 -34.00 32.17
CA ILE C 192 19.65 -34.50 32.90
C ILE C 192 19.99 -34.41 34.38
N PRO C 193 18.99 -34.48 35.24
CA PRO C 193 19.24 -34.28 36.67
C PRO C 193 19.64 -35.58 37.36
N GLU C 194 20.51 -35.45 38.35
CA GLU C 194 20.76 -36.57 39.23
C GLU C 194 19.53 -36.92 40.03
N ASP C 195 18.66 -35.92 40.26
CA ASP C 195 17.36 -36.16 40.86
C ASP C 195 16.44 -36.97 39.96
N THR C 196 16.82 -37.19 38.70
CA THR C 196 15.89 -37.71 37.69
C THR C 196 15.59 -39.18 37.95
N PHE C 197 14.30 -39.50 37.98
CA PHE C 197 13.80 -40.78 38.49
C PHE C 197 13.47 -41.72 37.33
N PHE C 198 14.04 -42.92 37.37
CA PHE C 198 13.96 -43.90 36.27
C PHE C 198 13.31 -45.20 36.76
N PRO C 199 11.98 -45.27 36.84
CA PRO C 199 11.30 -46.51 37.24
C PRO C 199 11.64 -47.71 36.34
N GLY D 2 -13.64 -12.60 11.16
CA GLY D 2 -12.61 -11.73 10.63
C GLY D 2 -12.36 -11.89 9.15
N VAL D 3 -11.08 -11.94 8.77
CA VAL D 3 -10.69 -12.05 7.37
C VAL D 3 -10.65 -13.52 6.98
N THR D 4 -11.24 -13.84 5.83
CA THR D 4 -11.36 -15.21 5.35
C THR D 4 -10.45 -15.42 4.15
N GLN D 5 -9.58 -16.43 4.24
CA GLN D 5 -8.66 -16.80 3.17
C GLN D 5 -8.86 -18.26 2.78
N THR D 6 -8.90 -18.52 1.48
CA THR D 6 -8.96 -19.86 0.93
C THR D 6 -8.05 -19.93 -0.28
N PRO D 7 -7.46 -21.10 -0.56
CA PRO D 7 -7.52 -22.26 0.35
C PRO D 7 -6.54 -22.05 1.50
N ARG D 8 -6.83 -22.66 2.66
CA ARG D 8 -5.96 -22.48 3.80
C ARG D 8 -4.66 -23.24 3.65
N TYR D 9 -4.69 -24.38 2.97
CA TYR D 9 -3.49 -25.14 2.66
C TYR D 9 -3.54 -25.57 1.19
N LEU D 10 -2.37 -25.65 0.59
CA LEU D 10 -2.29 -26.00 -0.83
C LEU D 10 -0.92 -26.57 -1.15
N ILE D 11 -0.92 -27.63 -1.95
CA ILE D 11 0.29 -28.20 -2.52
C ILE D 11 0.22 -28.03 -4.03
N LYS D 12 1.25 -27.41 -4.61
CA LYS D 12 1.39 -27.28 -6.05
C LYS D 12 2.78 -27.77 -6.45
N THR D 13 2.98 -27.96 -7.75
CA THR D 13 4.29 -28.29 -8.27
C THR D 13 4.87 -27.11 -9.05
N ARG D 14 6.19 -27.11 -9.15
CA ARG D 14 6.92 -26.08 -9.89
C ARG D 14 6.35 -25.93 -11.31
N GLY D 15 6.11 -24.68 -11.70
CA GLY D 15 5.55 -24.38 -13.00
C GLY D 15 4.05 -24.24 -13.02
N GLN D 16 3.36 -24.63 -11.96
CA GLN D 16 1.92 -24.52 -11.95
C GLN D 16 1.50 -23.12 -11.55
N GLN D 17 0.21 -22.83 -11.75
CA GLN D 17 -0.39 -21.56 -11.39
C GLN D 17 -1.29 -21.75 -10.17
N VAL D 18 -1.50 -20.67 -9.43
CA VAL D 18 -2.33 -20.73 -8.24
C VAL D 18 -3.07 -19.41 -8.08
N THR D 19 -4.30 -19.50 -7.57
CA THR D 19 -5.10 -18.33 -7.24
C THR D 19 -5.55 -18.45 -5.80
N LEU D 20 -5.19 -17.48 -4.97
CA LEU D 20 -5.63 -17.41 -3.59
C LEU D 20 -6.69 -16.33 -3.45
N SER D 21 -7.61 -16.51 -2.51
CA SER D 21 -8.73 -15.60 -2.34
C SER D 21 -8.79 -15.07 -0.91
N CYS D 22 -9.20 -13.80 -0.79
CA CYS D 22 -9.28 -13.13 0.50
C CYS D 22 -10.57 -12.34 0.56
N SER D 23 -11.37 -12.58 1.60
CA SER D 23 -12.54 -11.76 1.86
C SER D 23 -12.25 -10.89 3.07
N PRO D 24 -12.17 -9.57 2.90
CA PRO D 24 -11.82 -8.70 4.02
C PRO D 24 -12.93 -8.61 5.05
N ILE D 25 -12.63 -7.94 6.16
CA ILE D 25 -13.66 -7.64 7.15
C ILE D 25 -14.72 -6.80 6.49
N SER D 26 -15.99 -7.15 6.75
CA SER D 26 -17.10 -6.49 6.10
C SER D 26 -17.05 -4.99 6.30
N GLY D 27 -17.07 -4.24 5.19
CA GLY D 27 -16.94 -2.81 5.17
C GLY D 27 -15.55 -2.32 4.82
N HIS D 28 -14.53 -3.14 5.07
CA HIS D 28 -13.16 -2.75 4.73
C HIS D 28 -13.02 -2.70 3.23
N ARG D 29 -12.27 -1.71 2.75
CA ARG D 29 -12.08 -1.50 1.33
C ARG D 29 -10.65 -1.68 0.86
N SER D 30 -9.68 -1.80 1.77
CA SER D 30 -8.29 -2.00 1.41
C SER D 30 -7.89 -3.43 1.76
N VAL D 31 -7.31 -4.13 0.79
CA VAL D 31 -6.81 -5.48 0.99
C VAL D 31 -5.34 -5.50 0.58
N SER D 32 -4.48 -5.98 1.47
CA SER D 32 -3.06 -6.12 1.19
C SER D 32 -2.68 -7.59 1.20
N TRP D 33 -1.66 -7.94 0.42
CA TRP D 33 -1.11 -9.29 0.41
C TRP D 33 0.34 -9.24 0.87
N TYR D 34 0.70 -10.17 1.76
CA TYR D 34 2.06 -10.29 2.26
C TYR D 34 2.51 -11.73 2.13
N GLN D 35 3.81 -11.91 1.89
CA GLN D 35 4.42 -13.24 1.84
C GLN D 35 5.31 -13.41 3.06
N GLN D 36 5.12 -14.53 3.75
CA GLN D 36 5.83 -14.82 4.99
C GLN D 36 6.64 -16.09 4.82
N THR D 37 7.95 -15.97 4.90
CA THR D 37 8.89 -17.07 4.83
C THR D 37 9.80 -17.04 6.05
N PRO D 38 10.36 -18.17 6.44
CA PRO D 38 11.46 -18.12 7.41
C PRO D 38 12.62 -17.34 6.81
N GLY D 39 13.09 -16.34 7.55
CA GLY D 39 14.33 -15.68 7.23
C GLY D 39 14.19 -14.36 6.49
N GLN D 40 13.02 -14.07 5.90
CA GLN D 40 12.74 -12.73 5.41
C GLN D 40 11.60 -12.07 6.16
N GLY D 41 10.84 -12.83 6.95
CA GLY D 41 9.72 -12.23 7.65
C GLY D 41 8.63 -11.84 6.68
N LEU D 42 7.98 -10.72 6.96
CA LEU D 42 6.82 -10.28 6.19
C LEU D 42 7.27 -9.43 5.01
N GLN D 43 6.93 -9.86 3.80
CA GLN D 43 7.24 -9.10 2.58
C GLN D 43 5.95 -8.68 1.89
N PHE D 44 5.85 -7.38 1.60
CA PHE D 44 4.64 -6.79 1.03
C PHE D 44 4.52 -7.12 -0.45
N LEU D 45 3.40 -7.72 -0.85
CA LEU D 45 3.15 -8.01 -2.28
C LEU D 45 2.50 -6.79 -2.94
N PHE D 46 1.21 -6.57 -2.67
CA PHE D 46 0.51 -5.45 -3.29
C PHE D 46 -0.72 -5.10 -2.46
N GLU D 47 -1.07 -3.80 -2.48
CA GLU D 47 -2.25 -3.29 -1.81
C GLU D 47 -3.33 -2.98 -2.85
N TYR D 48 -4.58 -3.27 -2.52
CA TYR D 48 -5.70 -3.09 -3.44
C TYR D 48 -6.80 -2.30 -2.77
N PHE D 49 -7.12 -1.14 -3.35
CA PHE D 49 -8.14 -0.23 -2.85
C PHE D 49 -9.00 0.22 -4.02
N SER D 50 -10.32 0.14 -3.85
CA SER D 50 -11.29 0.59 -4.85
C SER D 50 -11.07 -0.09 -6.20
N GLU D 51 -10.81 -1.40 -6.15
CA GLU D 51 -10.69 -2.32 -7.29
C GLU D 51 -9.45 -2.09 -8.13
N THR D 52 -8.49 -1.29 -7.67
CA THR D 52 -7.25 -1.06 -8.39
C THR D 52 -6.07 -1.30 -7.46
N GLN D 53 -4.93 -1.60 -8.06
CA GLN D 53 -3.71 -1.78 -7.29
C GLN D 53 -3.20 -0.40 -6.86
N ARG D 54 -3.11 -0.19 -5.56
CA ARG D 54 -2.71 1.12 -5.06
C ARG D 54 -1.22 1.21 -4.82
N ASN D 55 -0.61 0.14 -4.30
CA ASN D 55 0.82 0.11 -4.04
C ASN D 55 1.34 -1.28 -4.36
N LYS D 56 2.64 -1.35 -4.61
CA LYS D 56 3.25 -2.58 -5.08
C LYS D 56 4.60 -2.74 -4.39
N GLY D 57 4.90 -3.97 -3.98
CA GLY D 57 6.19 -4.29 -3.43
C GLY D 57 7.21 -4.56 -4.51
N ASN D 58 8.18 -5.43 -4.22
CA ASN D 58 9.29 -5.69 -5.12
C ASN D 58 9.22 -7.05 -5.78
N PHE D 59 8.08 -7.73 -5.69
CA PHE D 59 7.98 -9.07 -6.25
C PHE D 59 7.93 -9.03 -7.77
N PRO D 60 8.37 -10.10 -8.44
CA PRO D 60 8.32 -10.11 -9.91
C PRO D 60 6.90 -10.24 -10.44
N GLY D 61 6.75 -10.05 -11.75
CA GLY D 61 5.42 -9.91 -12.32
C GLY D 61 4.61 -11.17 -12.37
N ARG D 62 5.21 -12.33 -12.13
CA ARG D 62 4.41 -13.54 -12.08
C ARG D 62 3.49 -13.53 -10.87
N PHE D 63 3.76 -12.65 -9.91
CA PHE D 63 2.84 -12.38 -8.81
C PHE D 63 1.91 -11.24 -9.23
N SER D 64 0.61 -11.52 -9.29
CA SER D 64 -0.37 -10.49 -9.63
C SER D 64 -1.57 -10.61 -8.70
N GLY D 65 -2.38 -9.55 -8.69
CA GLY D 65 -3.56 -9.52 -7.86
C GLY D 65 -4.67 -8.74 -8.51
N ARG D 66 -5.83 -8.78 -7.86
CA ARG D 66 -6.98 -7.98 -8.30
C ARG D 66 -7.96 -7.88 -7.14
N GLN D 67 -8.87 -6.92 -7.27
CA GLN D 67 -9.90 -6.68 -6.27
C GLN D 67 -11.22 -6.44 -6.97
N PHE D 68 -12.27 -7.10 -6.48
CA PHE D 68 -13.59 -7.00 -7.05
C PHE D 68 -14.39 -5.89 -6.37
N SER D 69 -15.60 -5.64 -6.86
CA SER D 69 -16.37 -4.53 -6.35
C SER D 69 -16.95 -4.79 -4.96
N ASN D 70 -16.99 -6.04 -4.50
CA ASN D 70 -17.31 -6.34 -3.10
C ASN D 70 -16.08 -6.36 -2.21
N SER D 71 -14.95 -5.90 -2.75
CA SER D 71 -13.68 -5.74 -2.06
C SER D 71 -12.97 -7.07 -1.82
N ARG D 72 -13.57 -8.19 -2.22
CA ARG D 72 -12.85 -9.46 -2.19
C ARG D 72 -11.66 -9.35 -3.14
N SER D 73 -10.55 -9.98 -2.77
CA SER D 73 -9.32 -9.87 -3.53
C SER D 73 -8.75 -11.24 -3.86
N GLU D 74 -8.12 -11.34 -5.03
CA GLU D 74 -7.43 -12.55 -5.43
C GLU D 74 -5.97 -12.26 -5.72
N MET D 75 -5.13 -13.22 -5.37
CA MET D 75 -3.71 -13.23 -5.65
C MET D 75 -3.44 -14.38 -6.62
N ASN D 76 -2.56 -14.14 -7.59
CA ASN D 76 -2.23 -15.16 -8.57
C ASN D 76 -0.72 -15.25 -8.72
N VAL D 77 -0.21 -16.46 -8.82
CA VAL D 77 1.14 -16.73 -9.30
C VAL D 77 1.00 -17.57 -10.56
N SER D 78 1.47 -17.03 -11.68
CA SER D 78 1.26 -17.68 -12.97
C SER D 78 2.17 -18.89 -13.13
N THR D 79 3.39 -18.82 -12.60
CA THR D 79 4.34 -19.93 -12.73
C THR D 79 5.08 -20.04 -11.40
N LEU D 80 4.86 -21.14 -10.68
CA LEU D 80 5.39 -21.25 -9.33
C LEU D 80 6.81 -21.79 -9.32
N GLU D 81 7.60 -21.27 -8.38
CA GLU D 81 8.94 -21.77 -8.11
C GLU D 81 8.97 -22.40 -6.72
N LEU D 82 9.98 -23.24 -6.49
CA LEU D 82 10.15 -23.86 -5.18
C LEU D 82 10.22 -22.81 -4.08
N GLY D 83 10.91 -21.71 -4.34
CA GLY D 83 11.06 -20.67 -3.33
C GLY D 83 9.82 -19.84 -3.09
N ASP D 84 8.73 -20.10 -3.80
CA ASP D 84 7.47 -19.43 -3.53
C ASP D 84 6.70 -20.08 -2.39
N SER D 85 7.17 -21.23 -1.88
CA SER D 85 6.55 -21.84 -0.71
C SER D 85 6.59 -20.88 0.45
N ALA D 86 5.42 -20.63 1.06
CA ALA D 86 5.31 -19.59 2.07
C ALA D 86 3.91 -19.59 2.65
N LEU D 87 3.74 -18.80 3.70
CA LEU D 87 2.42 -18.39 4.19
C LEU D 87 2.05 -17.09 3.51
N TYR D 88 1.00 -17.11 2.71
CA TYR D 88 0.53 -15.91 2.04
C TYR D 88 -0.61 -15.32 2.85
N LEU D 89 -0.38 -14.13 3.38
CA LEU D 89 -1.28 -13.46 4.31
C LEU D 89 -1.93 -12.28 3.61
N CYS D 90 -3.24 -12.16 3.77
CA CYS D 90 -3.92 -10.93 3.39
C CYS D 90 -4.36 -10.20 4.63
N ALA D 91 -4.40 -8.87 4.53
CA ALA D 91 -4.77 -7.99 5.62
C ALA D 91 -5.70 -6.94 5.08
N SER D 92 -6.74 -6.61 5.84
CA SER D 92 -7.69 -5.59 5.43
C SER D 92 -7.67 -4.42 6.40
N SER D 93 -8.05 -3.25 5.89
CA SER D 93 -8.25 -2.07 6.70
C SER D 93 -9.39 -1.28 6.06
N LEU D 94 -10.07 -0.48 6.87
CA LEU D 94 -11.16 0.34 6.37
C LEU D 94 -10.68 1.25 5.24
N ARG D 95 -9.58 1.94 5.45
CA ARG D 95 -9.09 2.94 4.51
C ARG D 95 -7.74 2.51 3.93
N ALA D 96 -7.32 3.23 2.91
CA ALA D 96 -6.09 2.89 2.21
C ALA D 96 -4.88 3.28 3.05
N GLU D 97 -3.80 2.51 2.91
CA GLU D 97 -2.49 2.83 3.49
C GLU D 97 -2.57 2.97 5.01
N SER D 98 -3.29 2.07 5.65
CA SER D 98 -3.42 2.05 7.10
C SER D 98 -2.30 1.23 7.73
N GLY D 99 -1.79 1.73 8.85
CA GLY D 99 -0.93 0.94 9.69
C GLY D 99 -1.65 -0.06 10.57
N GLU D 100 -2.98 0.02 10.63
CA GLU D 100 -3.80 -0.83 11.47
C GLU D 100 -4.46 -1.87 10.59
N LEU D 101 -3.90 -3.09 10.61
CA LEU D 101 -4.28 -4.13 9.67
C LEU D 101 -4.87 -5.32 10.41
N PHE D 102 -5.82 -5.98 9.76
CA PHE D 102 -6.44 -7.17 10.29
C PHE D 102 -6.14 -8.32 9.33
N PHE D 103 -5.33 -9.27 9.79
CA PHE D 103 -4.82 -10.34 8.94
C PHE D 103 -5.74 -11.54 8.99
N GLY D 104 -5.93 -12.18 7.84
CA GLY D 104 -6.48 -13.52 7.80
C GLY D 104 -5.48 -14.51 8.36
N GLU D 105 -5.87 -15.77 8.37
CA GLU D 105 -4.98 -16.81 8.88
C GLU D 105 -3.98 -17.30 7.85
N GLY D 106 -4.11 -16.90 6.60
CA GLY D 106 -3.10 -17.15 5.59
C GLY D 106 -3.40 -18.38 4.75
N SER D 107 -2.79 -18.41 3.57
CA SER D 107 -2.79 -19.59 2.72
C SER D 107 -1.39 -20.20 2.78
N ARG D 108 -1.29 -21.40 3.33
CA ARG D 108 -0.02 -22.10 3.42
C ARG D 108 0.21 -22.84 2.11
N LEU D 109 1.13 -22.33 1.29
CA LEU D 109 1.40 -22.88 -0.03
C LEU D 109 2.75 -23.61 0.01
N THR D 110 2.75 -24.89 -0.32
CA THR D 110 3.97 -25.66 -0.47
C THR D 110 4.15 -26.02 -1.94
N VAL D 111 5.30 -25.68 -2.51
CA VAL D 111 5.61 -25.93 -3.91
C VAL D 111 6.67 -27.03 -3.96
N LEU D 112 6.35 -28.11 -4.66
CA LEU D 112 7.21 -29.28 -4.75
C LEU D 112 7.61 -29.49 -6.21
N GLU D 113 8.73 -30.19 -6.40
CA GLU D 113 9.05 -30.62 -7.75
C GLU D 113 8.13 -31.75 -8.19
N ASP D 114 7.57 -32.48 -7.23
CA ASP D 114 7.03 -33.80 -7.46
C ASP D 114 6.10 -34.14 -6.31
N LEU D 115 4.96 -34.76 -6.62
CA LEU D 115 3.97 -35.11 -5.61
C LEU D 115 4.20 -36.50 -5.02
N ASN D 116 5.16 -37.25 -5.56
CA ASN D 116 5.52 -38.54 -4.97
C ASN D 116 6.04 -38.40 -3.54
N LYS D 117 6.41 -37.19 -3.12
CA LYS D 117 6.97 -36.98 -1.79
C LYS D 117 5.90 -36.84 -0.71
N VAL D 118 4.63 -36.83 -1.08
CA VAL D 118 3.56 -36.43 -0.18
C VAL D 118 2.99 -37.68 0.49
N PHE D 119 2.96 -37.66 1.83
CA PHE D 119 2.44 -38.75 2.66
C PHE D 119 1.60 -38.17 3.80
N PRO D 120 0.46 -38.79 4.11
CA PRO D 120 -0.28 -38.41 5.32
C PRO D 120 0.43 -38.96 6.55
N PRO D 121 0.06 -38.51 7.75
CA PRO D 121 0.75 -39.01 8.95
C PRO D 121 0.24 -40.38 9.35
N GLU D 122 1.09 -41.11 10.04
CA GLU D 122 0.63 -42.22 10.87
C GLU D 122 0.56 -41.70 12.30
N VAL D 123 -0.50 -42.09 13.01
CA VAL D 123 -0.80 -41.53 14.32
C VAL D 123 -0.95 -42.68 15.32
N ALA D 124 -0.26 -42.57 16.44
CA ALA D 124 -0.34 -43.54 17.53
C ALA D 124 -0.48 -42.80 18.85
N VAL D 125 -1.27 -43.36 19.76
CA VAL D 125 -1.40 -42.83 21.11
C VAL D 125 -0.67 -43.76 22.06
N PHE D 126 0.03 -43.18 23.03
CA PHE D 126 0.78 -43.94 24.03
C PHE D 126 0.20 -43.66 25.40
N GLU D 127 -0.19 -44.73 26.10
CA GLU D 127 -0.95 -44.64 27.34
C GLU D 127 -0.05 -44.33 28.52
N PRO D 128 -0.58 -43.64 29.53
CA PRO D 128 0.25 -43.23 30.67
C PRO D 128 0.90 -44.41 31.37
N SER D 129 2.08 -44.17 31.91
CA SER D 129 2.81 -45.18 32.66
C SER D 129 2.24 -45.30 34.06
N GLU D 130 2.15 -46.53 34.55
CA GLU D 130 1.69 -46.76 35.91
C GLU D 130 2.63 -46.10 36.92
N ALA D 131 3.93 -46.06 36.59
CA ALA D 131 4.89 -45.36 37.43
C ALA D 131 4.53 -43.88 37.56
N GLU D 132 4.20 -43.23 36.44
CA GLU D 132 3.76 -41.84 36.53
C GLU D 132 2.50 -41.73 37.38
N ILE D 133 1.52 -42.60 37.12
CA ILE D 133 0.26 -42.56 37.86
C ILE D 133 0.50 -42.74 39.34
N SER D 134 1.52 -43.52 39.72
CA SER D 134 1.84 -43.71 41.13
C SER D 134 2.55 -42.49 41.70
N HIS D 135 3.58 -42.03 41.01
CA HIS D 135 4.54 -41.09 41.57
C HIS D 135 4.03 -39.65 41.59
N THR D 136 3.08 -39.31 40.73
CA THR D 136 2.61 -37.93 40.61
C THR D 136 1.11 -37.78 40.82
N GLN D 137 0.35 -38.86 40.77
CA GLN D 137 -1.12 -38.80 40.70
C GLN D 137 -1.59 -38.01 39.49
N LYS D 138 -0.81 -38.05 38.40
CA LYS D 138 -1.19 -37.46 37.12
C LYS D 138 -0.77 -38.41 36.01
N ALA D 139 -1.43 -38.28 34.85
CA ALA D 139 -1.29 -39.24 33.77
C ALA D 139 -1.10 -38.51 32.46
N THR D 140 -0.02 -38.83 31.75
CA THR D 140 0.31 -38.16 30.49
C THR D 140 0.08 -39.13 29.34
N LEU D 141 -0.86 -38.79 28.47
CA LEU D 141 -0.94 -39.46 27.18
C LEU D 141 0.00 -38.75 26.22
N VAL D 142 0.58 -39.52 25.29
CA VAL D 142 1.44 -38.96 24.26
C VAL D 142 0.86 -39.35 22.90
N CYS D 143 0.92 -38.42 21.95
CA CYS D 143 0.51 -38.68 20.58
C CYS D 143 1.70 -38.47 19.65
N LEU D 144 1.88 -39.40 18.72
CA LEU D 144 2.95 -39.30 17.72
C LEU D 144 2.32 -39.27 16.34
N ALA D 145 2.58 -38.21 15.58
CA ALA D 145 2.30 -38.16 14.15
C ALA D 145 3.62 -38.25 13.41
N THR D 146 3.77 -39.28 12.57
CA THR D 146 5.05 -39.57 11.96
C THR D 146 4.90 -39.79 10.46
N GLY D 147 5.99 -39.48 9.75
CA GLY D 147 6.09 -39.80 8.34
C GLY D 147 5.28 -38.94 7.41
N PHE D 148 4.84 -37.77 7.86
CA PHE D 148 4.03 -36.94 6.97
C PHE D 148 4.89 -35.93 6.22
N PHE D 149 4.43 -35.60 5.01
CA PHE D 149 5.02 -34.55 4.19
C PHE D 149 3.98 -34.05 3.18
N PRO D 150 3.87 -32.74 3.00
CA PRO D 150 4.63 -31.73 3.73
C PRO D 150 4.04 -31.46 5.10
N ASP D 151 4.56 -30.43 5.76
CA ASP D 151 4.17 -30.07 7.13
C ASP D 151 2.85 -29.28 7.10
N HIS D 152 1.79 -29.98 6.70
CA HIS D 152 0.44 -29.44 6.66
C HIS D 152 -0.45 -30.25 7.62
N VAL D 153 -0.26 -30.06 8.92
CA VAL D 153 -1.03 -30.83 9.90
C VAL D 153 -1.55 -29.92 11.00
N GLU D 154 -2.70 -30.30 11.54
CA GLU D 154 -3.28 -29.68 12.73
C GLU D 154 -3.67 -30.77 13.71
N LEU D 155 -3.04 -30.76 14.88
CA LEU D 155 -3.26 -31.80 15.89
C LEU D 155 -4.15 -31.26 17.00
N SER D 156 -5.20 -32.02 17.34
CA SER D 156 -6.11 -31.67 18.41
C SER D 156 -6.42 -32.89 19.26
N TRP D 157 -6.72 -32.64 20.53
CA TRP D 157 -7.09 -33.69 21.48
C TRP D 157 -8.59 -33.61 21.76
N TRP D 158 -9.25 -34.76 21.77
CA TRP D 158 -10.69 -34.82 22.03
C TRP D 158 -10.94 -35.77 23.18
N VAL D 159 -11.59 -35.27 24.23
CA VAL D 159 -11.93 -36.04 25.41
C VAL D 159 -13.45 -36.13 25.49
N ASN D 160 -13.97 -37.35 25.35
CA ASN D 160 -15.42 -37.61 25.36
C ASN D 160 -16.15 -36.71 24.37
N GLY D 161 -15.64 -36.66 23.15
CA GLY D 161 -16.28 -35.94 22.06
C GLY D 161 -16.01 -34.44 22.02
N LYS D 162 -15.31 -33.89 23.00
CA LYS D 162 -15.11 -32.44 23.11
C LYS D 162 -13.63 -32.12 23.04
N GLU D 163 -13.25 -31.18 22.18
CA GLU D 163 -11.85 -30.81 22.04
C GLU D 163 -11.37 -30.10 23.30
N VAL D 164 -10.15 -30.43 23.73
CA VAL D 164 -9.57 -29.88 24.95
C VAL D 164 -8.26 -29.19 24.62
N HIS D 165 -7.92 -28.21 25.45
CA HIS D 165 -6.66 -27.49 25.40
C HIS D 165 -5.92 -27.51 26.73
N SER D 166 -6.64 -27.38 27.83
CA SER D 166 -6.07 -27.54 29.16
C SER D 166 -5.28 -28.84 29.23
N GLY D 167 -4.05 -28.76 29.76
CA GLY D 167 -3.18 -29.91 29.91
C GLY D 167 -2.50 -30.39 28.65
N VAL D 168 -2.56 -29.63 27.55
CA VAL D 168 -2.05 -30.07 26.26
C VAL D 168 -0.81 -29.27 25.91
N CYS D 169 0.19 -29.94 25.34
CA CYS D 169 1.33 -29.29 24.71
C CYS D 169 1.67 -30.05 23.44
N THR D 170 1.72 -29.33 22.33
CA THR D 170 2.11 -29.87 21.04
C THR D 170 3.42 -29.21 20.62
N ASP D 171 4.35 -30.01 20.12
CA ASP D 171 5.62 -29.48 19.65
C ASP D 171 5.36 -28.33 18.68
N PRO D 172 5.93 -27.15 18.91
CA PRO D 172 5.74 -26.06 17.94
C PRO D 172 6.39 -26.34 16.60
N GLN D 173 7.37 -27.23 16.53
CA GLN D 173 8.06 -27.51 15.28
C GLN D 173 8.19 -29.01 15.08
N PRO D 174 7.91 -29.51 13.87
CA PRO D 174 8.12 -30.95 13.61
C PRO D 174 9.60 -31.30 13.58
N LEU D 175 9.86 -32.58 13.83
CA LEU D 175 11.18 -33.17 13.64
C LEU D 175 11.27 -33.74 12.25
N LYS D 176 12.43 -33.61 11.63
CA LYS D 176 12.68 -34.17 10.30
C LYS D 176 13.24 -35.57 10.44
N GLU D 177 12.58 -36.54 9.81
CA GLU D 177 13.04 -37.93 9.91
C GLU D 177 14.32 -38.15 9.13
N GLN D 178 14.65 -37.24 8.21
CA GLN D 178 15.93 -37.27 7.49
C GLN D 178 16.40 -35.83 7.38
N PRO D 179 17.11 -35.32 8.39
CA PRO D 179 17.31 -33.86 8.50
C PRO D 179 18.11 -33.24 7.37
N ALA D 180 18.69 -34.02 6.46
CA ALA D 180 19.47 -33.41 5.39
C ALA D 180 18.59 -33.04 4.20
N LEU D 181 17.58 -33.87 3.91
CA LEU D 181 16.74 -33.65 2.75
C LEU D 181 15.78 -32.51 3.02
N ASN D 182 15.61 -31.63 2.03
CA ASN D 182 14.60 -30.59 2.15
C ASN D 182 13.20 -31.18 2.05
N ASP D 183 13.05 -32.31 1.35
CA ASP D 183 11.79 -33.01 1.27
C ASP D 183 11.66 -34.11 2.31
N SER D 184 12.27 -33.92 3.47
CA SER D 184 12.25 -34.95 4.49
C SER D 184 10.84 -35.07 5.07
N ARG D 185 10.43 -36.31 5.33
CA ARG D 185 9.18 -36.54 6.04
C ARG D 185 9.35 -36.11 7.50
N TYR D 186 8.23 -35.87 8.15
CA TYR D 186 8.21 -35.18 9.44
C TYR D 186 7.61 -36.04 10.55
N ALA D 187 7.89 -35.64 11.79
CA ALA D 187 7.28 -36.23 12.98
C ALA D 187 6.86 -35.12 13.94
N LEU D 188 5.79 -35.38 14.69
CA LEU D 188 5.24 -34.38 15.61
C LEU D 188 4.67 -35.09 16.83
N SER D 189 4.96 -34.56 18.02
CA SER D 189 4.47 -35.15 19.25
C SER D 189 3.61 -34.14 20.00
N SER D 190 2.71 -34.65 20.83
CA SER D 190 1.85 -33.85 21.68
C SER D 190 1.55 -34.63 22.95
N ARG D 191 1.38 -33.92 24.06
CA ARG D 191 1.05 -34.54 25.34
C ARG D 191 -0.28 -34.01 25.85
N LEU D 192 -1.05 -34.89 26.46
CA LEU D 192 -2.24 -34.51 27.21
C LEU D 192 -2.12 -35.10 28.61
N ARG D 193 -2.08 -34.25 29.62
CA ARG D 193 -1.94 -34.68 31.00
C ARG D 193 -3.26 -34.48 31.72
N VAL D 194 -3.71 -35.51 32.44
CA VAL D 194 -4.93 -35.44 33.21
C VAL D 194 -4.62 -35.97 34.61
N SER D 195 -5.60 -35.83 35.50
CA SER D 195 -5.44 -36.37 36.84
C SER D 195 -5.40 -37.89 36.79
N ALA D 196 -4.61 -38.50 37.68
CA ALA D 196 -4.57 -39.95 37.79
C ALA D 196 -5.97 -40.52 37.88
N THR D 197 -6.82 -39.86 38.68
CA THR D 197 -8.19 -40.30 38.83
C THR D 197 -8.94 -40.26 37.50
N PHE D 198 -8.85 -39.14 36.78
CA PHE D 198 -9.59 -39.02 35.53
C PHE D 198 -9.22 -40.11 34.54
N TRP D 199 -7.94 -40.49 34.49
CA TRP D 199 -7.54 -41.55 33.58
C TRP D 199 -7.98 -42.91 34.06
N GLN D 200 -8.12 -43.09 35.38
CA GLN D 200 -8.42 -44.41 35.90
C GLN D 200 -9.85 -44.83 35.60
N ASN D 201 -10.75 -43.86 35.38
CA ASN D 201 -12.10 -44.11 34.89
C ASN D 201 -12.02 -44.62 33.47
N PRO D 202 -12.46 -45.85 33.20
CA PRO D 202 -12.43 -46.37 31.83
C PRO D 202 -13.62 -45.95 30.98
N ARG D 203 -14.57 -45.19 31.52
CA ARG D 203 -15.58 -44.59 30.65
C ARG D 203 -15.00 -43.46 29.82
N ASN D 204 -13.89 -42.87 30.25
CA ASN D 204 -13.37 -41.67 29.61
C ASN D 204 -12.67 -42.05 28.31
N HIS D 205 -12.89 -41.25 27.27
CA HIS D 205 -12.46 -41.57 25.91
C HIS D 205 -11.51 -40.49 25.42
N PHE D 206 -10.32 -40.90 24.98
CA PHE D 206 -9.24 -39.97 24.64
C PHE D 206 -8.89 -40.15 23.17
N ARG D 207 -9.02 -39.10 22.37
CA ARG D 207 -8.65 -39.19 20.96
C ARG D 207 -7.66 -38.10 20.56
N CYS D 208 -6.60 -38.52 19.87
CA CYS D 208 -5.69 -37.59 19.21
C CYS D 208 -6.01 -37.55 17.73
N GLN D 209 -6.22 -36.35 17.20
CA GLN D 209 -6.77 -36.15 15.87
C GLN D 209 -5.81 -35.26 15.08
N VAL D 210 -5.33 -35.77 13.95
CA VAL D 210 -4.42 -35.01 13.10
C VAL D 210 -5.10 -34.78 11.75
N GLN D 211 -5.47 -33.54 11.49
CA GLN D 211 -5.92 -33.13 10.16
C GLN D 211 -4.69 -32.94 9.27
N PHE D 212 -4.65 -33.69 8.17
CA PHE D 212 -3.59 -33.55 7.17
C PHE D 212 -4.19 -32.85 5.96
N TYR D 213 -3.45 -31.89 5.40
CA TYR D 213 -3.86 -31.22 4.19
C TYR D 213 -2.91 -31.65 3.08
N GLY D 214 -3.42 -32.47 2.16
CA GLY D 214 -2.59 -33.03 1.11
C GLY D 214 -3.06 -32.67 -0.28
N LEU D 215 -3.24 -33.69 -1.14
CA LEU D 215 -3.59 -33.44 -2.52
C LEU D 215 -5.09 -33.21 -2.66
N SER D 216 -5.45 -32.51 -3.72
CA SER D 216 -6.83 -32.21 -4.07
C SER D 216 -7.32 -33.18 -5.13
N GLU D 217 -8.63 -33.18 -5.34
CA GLU D 217 -9.22 -34.05 -6.35
C GLU D 217 -8.57 -33.84 -7.71
N ASN D 218 -8.20 -32.58 -8.01
CA ASN D 218 -7.73 -32.27 -9.35
C ASN D 218 -6.32 -32.78 -9.60
N ASP D 219 -5.56 -33.06 -8.53
CA ASP D 219 -4.19 -33.55 -8.68
C ASP D 219 -4.18 -34.95 -9.27
N GLU D 220 -3.26 -35.20 -10.18
CA GLU D 220 -3.10 -36.52 -10.77
C GLU D 220 -2.33 -37.43 -9.82
N TRP D 221 -2.70 -38.70 -9.80
CA TRP D 221 -2.01 -39.68 -8.96
C TRP D 221 -1.84 -41.00 -9.70
N THR D 222 -0.58 -41.40 -9.91
CA THR D 222 -0.29 -42.65 -10.58
C THR D 222 0.55 -43.61 -9.74
N GLN D 223 0.77 -43.31 -8.47
CA GLN D 223 1.45 -44.26 -7.61
C GLN D 223 0.50 -45.40 -7.26
N ASP D 224 1.07 -46.44 -6.64
CA ASP D 224 0.25 -47.58 -6.24
C ASP D 224 -0.45 -47.32 -4.92
N ARG D 225 0.25 -46.69 -3.97
CA ARG D 225 -0.36 -46.37 -2.69
C ARG D 225 -1.53 -45.42 -2.89
N ALA D 226 -2.38 -45.33 -1.87
CA ALA D 226 -3.54 -44.45 -1.95
C ALA D 226 -3.09 -43.01 -2.18
N LYS D 227 -3.89 -42.28 -2.95
CA LYS D 227 -3.63 -40.88 -3.19
C LYS D 227 -3.61 -40.14 -1.86
N PRO D 228 -2.53 -39.43 -1.52
CA PRO D 228 -2.46 -38.78 -0.20
C PRO D 228 -3.28 -37.50 -0.14
N VAL D 229 -4.60 -37.67 -0.08
CA VAL D 229 -5.48 -36.52 -0.04
C VAL D 229 -5.55 -35.94 1.38
N THR D 230 -6.11 -34.75 1.46
CA THR D 230 -6.55 -34.20 2.73
C THR D 230 -7.41 -35.21 3.48
N GLN D 231 -7.09 -35.41 4.76
CA GLN D 231 -7.73 -36.48 5.52
C GLN D 231 -7.38 -36.32 6.99
N ILE D 232 -8.21 -36.91 7.85
CA ILE D 232 -7.97 -36.96 9.28
C ILE D 232 -7.46 -38.34 9.65
N VAL D 233 -6.38 -38.40 10.41
CA VAL D 233 -5.84 -39.64 10.95
C VAL D 233 -5.80 -39.51 12.47
N SER D 234 -6.36 -40.50 13.16
CA SER D 234 -6.48 -40.41 14.60
C SER D 234 -6.11 -41.73 15.25
N ALA D 235 -5.76 -41.65 16.53
CA ALA D 235 -5.66 -42.79 17.42
C ALA D 235 -6.39 -42.45 18.72
N GLU D 236 -6.78 -43.47 19.47
CA GLU D 236 -7.58 -43.25 20.66
C GLU D 236 -7.25 -44.27 21.75
N ALA D 237 -7.68 -43.94 22.98
CA ALA D 237 -7.45 -44.78 24.15
C ALA D 237 -8.52 -44.49 25.18
N TRP D 238 -8.78 -45.47 26.04
CA TRP D 238 -9.90 -45.36 26.97
C TRP D 238 -9.49 -45.27 28.43
N GLY D 239 -8.42 -45.92 28.85
CA GLY D 239 -8.22 -45.86 30.27
C GLY D 239 -8.60 -47.15 30.95
N ARG D 240 -7.85 -47.51 31.99
CA ARG D 240 -7.96 -48.82 32.60
C ARG D 240 -7.92 -48.70 34.11
N ALA D 241 -8.39 -49.76 34.77
CA ALA D 241 -8.39 -49.78 36.21
C ALA D 241 -6.98 -50.05 36.75
N SER E 3 19.65 38.67 -6.66
CA SER E 3 18.30 38.19 -6.85
C SER E 3 17.58 38.06 -5.52
N PRO E 4 16.46 38.76 -5.38
CA PRO E 4 15.70 38.72 -4.12
C PRO E 4 15.34 37.30 -3.76
N GLU E 5 15.34 37.01 -2.47
CA GLU E 5 14.92 35.70 -1.98
C GLU E 5 13.43 35.71 -1.67
N ASP E 6 12.80 34.55 -1.88
CA ASP E 6 11.36 34.41 -1.78
C ASP E 6 11.03 33.14 -1.03
N PHE E 7 9.99 33.20 -0.21
CA PHE E 7 9.50 32.02 0.51
C PHE E 7 8.05 31.82 0.14
N VAL E 8 7.73 30.64 -0.38
CA VAL E 8 6.44 30.40 -1.04
C VAL E 8 5.69 29.31 -0.29
N TYR E 9 4.38 29.55 -0.10
CA TYR E 9 3.46 28.55 0.43
C TYR E 9 2.32 28.37 -0.56
N GLN E 10 1.98 27.11 -0.83
CA GLN E 10 0.85 26.79 -1.68
C GLN E 10 -0.06 25.82 -0.94
N PHE E 11 -1.37 26.02 -1.10
CA PHE E 11 -2.36 25.04 -0.67
C PHE E 11 -3.30 24.76 -1.82
N LYS E 12 -3.44 23.50 -2.17
CA LYS E 12 -4.26 23.07 -3.29
C LYS E 12 -5.32 22.11 -2.80
N GLY E 13 -6.59 22.51 -2.92
CA GLY E 13 -7.70 21.63 -2.61
C GLY E 13 -8.19 20.94 -3.86
N MET E 14 -7.64 19.76 -4.16
CA MET E 14 -7.82 19.15 -5.46
C MET E 14 -8.89 18.06 -5.40
N CYS E 15 -9.68 17.96 -6.47
CA CYS E 15 -10.74 16.97 -6.61
C CYS E 15 -10.50 16.20 -7.90
N TYR E 16 -10.59 14.87 -7.82
CA TYR E 16 -10.41 14.01 -8.98
C TYR E 16 -11.72 13.25 -9.24
N PHE E 17 -12.17 13.27 -10.49
CA PHE E 17 -13.42 12.64 -10.87
C PHE E 17 -13.19 11.67 -12.02
N THR E 18 -13.80 10.49 -11.91
CA THR E 18 -13.76 9.51 -12.97
C THR E 18 -15.11 8.84 -13.07
N ASN E 19 -15.59 8.67 -14.30
CA ASN E 19 -16.87 8.02 -14.57
C ASN E 19 -18.01 8.77 -13.89
N GLY E 20 -18.13 10.04 -14.23
CA GLY E 20 -19.07 10.91 -13.54
C GLY E 20 -18.57 11.16 -12.13
N THR E 21 -19.38 10.79 -11.14
CA THR E 21 -18.96 10.83 -9.75
C THR E 21 -18.89 9.43 -9.15
N GLU E 22 -18.72 8.42 -10.00
CA GLU E 22 -18.55 7.05 -9.52
C GLU E 22 -17.31 6.92 -8.64
N ARG E 23 -16.21 7.51 -9.08
CA ARG E 23 -14.99 7.63 -8.29
C ARG E 23 -14.73 9.11 -8.10
N VAL E 24 -14.78 9.56 -6.85
CA VAL E 24 -14.40 10.93 -6.50
C VAL E 24 -13.35 10.86 -5.41
N ARG E 25 -12.31 11.67 -5.54
CA ARG E 25 -11.18 11.63 -4.63
C ARG E 25 -10.71 13.05 -4.36
N LEU E 26 -10.59 13.39 -3.09
CA LEU E 26 -10.07 14.68 -2.66
C LEU E 26 -8.63 14.51 -2.23
N VAL E 27 -7.74 15.34 -2.77
CA VAL E 27 -6.36 15.39 -2.30
C VAL E 27 -6.04 16.84 -1.95
N SER E 28 -5.91 17.11 -0.66
CA SER E 28 -5.51 18.40 -0.12
C SER E 28 -3.99 18.42 0.01
N ARG E 29 -3.32 19.41 -0.61
CA ARG E 29 -1.86 19.45 -0.67
C ARG E 29 -1.35 20.77 -0.09
N SER E 30 -0.52 20.67 0.95
CA SER E 30 0.21 21.81 1.50
C SER E 30 1.65 21.74 1.01
N ILE E 31 2.15 22.84 0.45
CA ILE E 31 3.42 22.86 -0.28
C ILE E 31 4.30 23.98 0.23
N TYR E 32 5.55 23.66 0.55
CA TYR E 32 6.56 24.65 0.91
C TYR E 32 7.50 24.80 -0.28
N ASN E 33 7.54 26.01 -0.86
CA ASN E 33 8.20 26.26 -2.14
C ASN E 33 7.61 25.27 -3.14
N ARG E 34 8.32 24.24 -3.56
CA ARG E 34 7.74 23.24 -4.45
C ARG E 34 7.73 21.85 -3.82
N GLU E 35 8.01 21.76 -2.53
CA GLU E 35 7.98 20.50 -1.79
C GLU E 35 6.61 20.33 -1.16
N GLU E 36 5.82 19.37 -1.65
CA GLU E 36 4.63 18.96 -0.92
C GLU E 36 5.05 18.36 0.42
N ILE E 37 4.53 18.92 1.51
CA ILE E 37 4.94 18.52 2.84
C ILE E 37 3.83 17.80 3.61
N VAL E 38 2.56 18.18 3.43
CA VAL E 38 1.45 17.47 4.06
C VAL E 38 0.37 17.24 3.02
N ARG E 39 -0.35 16.13 3.17
CA ARG E 39 -1.39 15.75 2.23
C ARG E 39 -2.57 15.17 3.00
N PHE E 40 -3.78 15.52 2.57
CA PHE E 40 -4.96 14.78 2.99
C PHE E 40 -5.57 14.15 1.76
N ASP E 41 -5.56 12.83 1.73
CA ASP E 41 -6.11 12.02 0.64
C ASP E 41 -7.33 11.29 1.19
N SER E 42 -8.50 11.54 0.58
CA SER E 42 -9.73 10.98 1.14
C SER E 42 -9.72 9.46 1.13
N ASP E 43 -8.93 8.85 0.24
CA ASP E 43 -8.74 7.41 0.27
C ASP E 43 -8.11 6.96 1.58
N VAL E 44 -7.23 7.79 2.13
CA VAL E 44 -6.50 7.46 3.34
C VAL E 44 -7.24 7.89 4.59
N GLY E 45 -7.88 9.06 4.56
CA GLY E 45 -8.73 9.45 5.65
C GLY E 45 -8.05 10.17 6.80
N GLU E 46 -6.77 10.52 6.65
CA GLU E 46 -6.05 11.26 7.67
C GLU E 46 -4.92 12.00 6.99
N PHE E 47 -4.43 13.05 7.66
CA PHE E 47 -3.29 13.78 7.14
C PHE E 47 -2.04 12.92 7.19
N ARG E 48 -1.19 13.05 6.16
CA ARG E 48 0.04 12.29 6.08
C ARG E 48 1.19 13.23 5.78
N ALA E 49 2.26 13.14 6.58
CA ALA E 49 3.46 13.91 6.31
C ALA E 49 4.16 13.34 5.09
N VAL E 50 4.29 14.15 4.04
CA VAL E 50 5.03 13.73 2.86
C VAL E 50 6.53 13.88 3.08
N THR E 51 6.93 14.90 3.85
CA THR E 51 8.32 15.07 4.25
C THR E 51 8.35 15.41 5.73
N LEU E 52 9.57 15.47 6.27
CA LEU E 52 9.76 15.79 7.69
C LEU E 52 9.15 17.14 8.04
N LEU E 53 9.25 18.12 7.13
CA LEU E 53 8.76 19.46 7.40
C LEU E 53 7.27 19.47 7.68
N GLY E 54 6.54 18.47 7.17
CA GLY E 54 5.12 18.40 7.37
C GLY E 54 4.64 17.54 8.51
N LEU E 55 5.56 16.84 9.18
CA LEU E 55 5.16 15.95 10.27
C LEU E 55 4.45 16.66 11.41
N PRO E 56 4.93 17.81 11.93
CA PRO E 56 4.20 18.45 13.05
C PRO E 56 2.78 18.83 12.69
N ALA E 57 2.56 19.37 11.48
CA ALA E 57 1.21 19.73 11.07
C ALA E 57 0.33 18.50 10.95
N ALA E 58 0.84 17.44 10.32
CA ALA E 58 0.03 16.23 10.13
C ALA E 58 -0.39 15.64 11.46
N GLU E 59 0.55 15.49 12.39
CA GLU E 59 0.21 14.95 13.70
C GLU E 59 -0.77 15.86 14.44
N TYR E 60 -0.57 17.17 14.35
CA TYR E 60 -1.44 18.10 15.07
C TYR E 60 -2.84 18.10 14.50
N TRP E 61 -2.98 18.11 13.18
CA TRP E 61 -4.30 18.14 12.58
C TRP E 61 -5.03 16.82 12.80
N ASN E 62 -4.31 15.70 12.81
CA ASN E 62 -4.93 14.41 13.03
C ASN E 62 -5.41 14.25 14.46
N SER E 63 -4.86 15.03 15.41
CA SER E 63 -5.32 14.96 16.78
C SER E 63 -6.61 15.75 17.01
N GLN E 64 -7.02 16.56 16.04
CA GLN E 64 -8.19 17.42 16.16
C GLN E 64 -9.35 16.72 15.48
N LYS E 65 -10.19 16.07 16.28
CA LYS E 65 -11.30 15.29 15.73
C LYS E 65 -12.17 16.12 14.80
N ASP E 66 -12.44 17.37 15.17
CA ASP E 66 -13.30 18.21 14.35
C ASP E 66 -12.66 18.49 13.00
N ILE E 67 -11.34 18.64 12.96
CA ILE E 67 -10.66 18.83 11.67
C ILE E 67 -10.73 17.57 10.84
N LEU E 68 -10.50 16.41 11.47
CA LEU E 68 -10.56 15.15 10.74
C LEU E 68 -11.92 14.95 10.08
N GLU E 69 -13.01 15.15 10.82
CA GLU E 69 -14.32 14.84 10.26
C GLU E 69 -14.74 15.83 9.19
N ARG E 70 -14.31 17.08 9.29
CA ARG E 70 -14.54 18.03 8.19
C ARG E 70 -13.80 17.59 6.93
N LYS E 71 -12.52 17.24 7.07
CA LYS E 71 -11.74 16.78 5.92
C LYS E 71 -12.35 15.53 5.31
N ARG E 72 -12.79 14.59 6.16
CA ARG E 72 -13.34 13.34 5.66
C ARG E 72 -14.66 13.55 4.93
N ALA E 73 -15.43 14.56 5.32
CA ALA E 73 -16.66 14.88 4.61
C ALA E 73 -16.42 15.78 3.40
N ALA E 74 -15.21 16.31 3.24
CA ALA E 74 -14.99 17.33 2.24
C ALA E 74 -15.10 16.79 0.82
N VAL E 75 -14.87 15.49 0.61
CA VAL E 75 -15.00 14.94 -0.73
C VAL E 75 -16.45 15.05 -1.20
N ASP E 76 -17.40 14.95 -0.27
CA ASP E 76 -18.80 15.16 -0.62
C ASP E 76 -19.15 16.64 -0.57
N ARG E 77 -18.75 17.32 0.51
CA ARG E 77 -19.15 18.72 0.68
C ARG E 77 -18.55 19.62 -0.39
N VAL E 78 -17.34 19.33 -0.84
CA VAL E 78 -16.68 20.19 -1.82
C VAL E 78 -16.76 19.56 -3.20
N CYS E 79 -16.13 18.40 -3.37
CA CYS E 79 -15.93 17.84 -4.70
C CYS E 79 -17.27 17.52 -5.36
N ARG E 80 -18.11 16.75 -4.67
CA ARG E 80 -19.38 16.33 -5.26
C ARG E 80 -20.33 17.52 -5.45
N HIS E 81 -20.36 18.44 -4.50
CA HIS E 81 -21.20 19.62 -4.65
C HIS E 81 -20.79 20.43 -5.86
N ASN E 82 -19.49 20.74 -5.97
CA ASN E 82 -19.01 21.56 -7.08
C ASN E 82 -19.19 20.84 -8.43
N TYR E 83 -19.10 19.51 -8.44
CA TYR E 83 -19.29 18.78 -9.70
C TYR E 83 -20.69 19.01 -10.26
N GLN E 84 -21.70 19.12 -9.39
CA GLN E 84 -23.05 19.40 -9.86
C GLN E 84 -23.11 20.74 -10.56
N LEU E 85 -22.34 21.72 -10.08
CA LEU E 85 -22.28 23.01 -10.76
C LEU E 85 -21.52 22.91 -12.08
N GLU E 86 -20.43 22.13 -12.09
CA GLU E 86 -19.69 21.93 -13.33
C GLU E 86 -20.56 21.27 -14.39
N LEU E 87 -21.43 20.34 -13.98
CA LEU E 87 -22.29 19.65 -14.93
C LEU E 87 -23.19 20.62 -15.69
N ARG E 88 -23.57 21.73 -15.07
CA ARG E 88 -24.41 22.73 -15.72
C ARG E 88 -23.64 23.80 -16.47
N THR E 89 -22.32 23.83 -16.32
CA THR E 89 -21.54 24.93 -16.89
C THR E 89 -20.34 24.42 -17.66
N THR E 90 -19.21 24.20 -16.97
CA THR E 90 -17.97 23.85 -17.65
C THR E 90 -18.12 22.56 -18.45
N LEU E 91 -18.77 21.56 -17.87
CA LEU E 91 -18.93 20.28 -18.53
C LEU E 91 -19.93 20.34 -19.69
N GLN E 92 -20.69 21.41 -19.82
CA GLN E 92 -21.56 21.61 -20.97
C GLN E 92 -20.93 22.46 -22.06
N ARG E 93 -19.77 23.05 -21.79
CA ARG E 93 -19.14 23.94 -22.73
C ARG E 93 -18.73 23.19 -23.99
N ARG E 94 -19.32 23.59 -25.11
CA ARG E 94 -18.99 23.02 -26.43
C ARG E 94 -18.63 24.18 -27.34
N VAL E 95 -17.38 24.23 -27.79
CA VAL E 95 -16.97 25.22 -28.78
C VAL E 95 -16.44 24.48 -29.99
N GLU E 96 -17.11 24.65 -31.13
CA GLU E 96 -16.78 23.88 -32.32
C GLU E 96 -15.43 24.32 -32.86
N PRO E 97 -14.57 23.39 -33.30
CA PRO E 97 -13.28 23.80 -33.86
C PRO E 97 -13.43 24.47 -35.22
N THR E 98 -12.56 25.43 -35.48
CA THR E 98 -12.38 26.01 -36.79
C THR E 98 -11.27 25.25 -37.50
N VAL E 99 -11.53 24.74 -38.70
CA VAL E 99 -10.60 23.85 -39.38
C VAL E 99 -10.11 24.54 -40.66
N THR E 100 -8.79 24.65 -40.79
CA THR E 100 -8.14 25.42 -41.83
C THR E 100 -6.96 24.61 -42.36
N ILE E 101 -6.81 24.54 -43.68
CA ILE E 101 -5.66 23.91 -44.33
C ILE E 101 -4.85 25.01 -45.01
N SER E 102 -3.53 24.97 -44.82
CA SER E 102 -2.64 25.82 -45.62
C SER E 102 -1.38 25.05 -45.99
N PRO E 103 -0.94 25.17 -47.25
CA PRO E 103 0.27 24.44 -47.68
C PRO E 103 1.54 25.17 -47.26
N SER E 104 2.58 24.38 -47.00
CA SER E 104 3.85 24.88 -46.52
C SER E 104 4.98 24.13 -47.21
N ARG E 105 6.21 24.45 -46.82
CA ARG E 105 7.40 23.74 -47.28
C ARG E 105 8.24 23.38 -46.07
N THR E 106 9.41 22.79 -46.32
CA THR E 106 10.38 22.51 -45.27
C THR E 106 11.83 22.52 -45.74
N ASN E 110 11.02 25.84 -54.54
CA ASN E 110 10.40 24.55 -54.22
C ASN E 110 8.95 24.52 -54.65
N HIS E 111 8.36 23.34 -54.56
CA HIS E 111 6.93 23.19 -54.61
C HIS E 111 6.44 22.76 -53.22
N HIS E 112 5.14 22.94 -52.99
CA HIS E 112 4.59 22.60 -51.69
C HIS E 112 4.78 21.13 -51.40
N ASN E 113 5.33 20.81 -50.22
CA ASN E 113 5.43 19.42 -49.78
C ASN E 113 4.89 19.21 -48.38
N LEU E 114 4.10 20.14 -47.85
CA LEU E 114 3.56 20.02 -46.50
C LEU E 114 2.21 20.73 -46.44
N LEU E 115 1.24 20.09 -45.79
CA LEU E 115 -0.05 20.70 -45.52
C LEU E 115 -0.24 20.79 -44.00
N VAL E 116 -0.69 21.95 -43.54
CA VAL E 116 -0.95 22.16 -42.12
C VAL E 116 -2.45 22.26 -41.93
N CYS E 117 -3.02 21.33 -41.16
CA CYS E 117 -4.40 21.45 -40.72
C CYS E 117 -4.40 22.15 -39.37
N SER E 118 -4.88 23.39 -39.33
CA SER E 118 -5.00 24.14 -38.09
C SER E 118 -6.41 23.92 -37.56
N VAL E 119 -6.49 23.35 -36.36
CA VAL E 119 -7.75 23.09 -35.68
C VAL E 119 -7.76 23.99 -34.45
N THR E 120 -8.50 25.10 -34.50
CA THR E 120 -8.35 26.16 -33.51
C THR E 120 -9.65 26.43 -32.77
N ASP E 121 -9.50 26.97 -31.56
CA ASP E 121 -10.60 27.51 -30.76
C ASP E 121 -11.69 26.45 -30.51
N PHE E 122 -11.29 25.33 -29.89
CA PHE E 122 -12.26 24.31 -29.52
C PHE E 122 -12.17 23.99 -28.04
N TYR E 123 -13.29 23.46 -27.52
CA TYR E 123 -13.41 23.03 -26.13
C TYR E 123 -14.57 22.03 -26.06
N PRO E 124 -14.42 20.91 -25.36
CA PRO E 124 -13.23 20.55 -24.57
C PRO E 124 -12.05 19.99 -25.36
N ALA E 125 -11.11 19.41 -24.62
CA ALA E 125 -9.82 19.03 -25.19
C ALA E 125 -9.93 17.81 -26.10
N GLN E 126 -10.85 16.89 -25.79
CA GLN E 126 -10.96 15.63 -26.52
C GLN E 126 -11.25 15.88 -28.00
N ILE E 127 -10.33 15.45 -28.86
CA ILE E 127 -10.41 15.72 -30.29
C ILE E 127 -9.67 14.62 -31.04
N LYS E 128 -10.13 14.33 -32.26
CA LYS E 128 -9.49 13.38 -33.14
C LYS E 128 -9.34 14.02 -34.52
N VAL E 129 -8.09 14.20 -34.95
CA VAL E 129 -7.80 14.83 -36.23
C VAL E 129 -7.10 13.80 -37.12
N ARG E 130 -7.65 13.56 -38.30
CA ARG E 130 -7.10 12.61 -39.25
C ARG E 130 -6.89 13.26 -40.60
N TRP E 131 -5.82 12.84 -41.29
CA TRP E 131 -5.55 13.23 -42.66
C TRP E 131 -5.94 12.09 -43.60
N PHE E 132 -6.65 12.43 -44.67
CA PHE E 132 -6.95 11.47 -45.73
C PHE E 132 -6.39 11.98 -47.05
N ARG E 133 -5.94 11.05 -47.89
CA ARG E 133 -5.52 11.36 -49.25
C ARG E 133 -6.32 10.49 -50.20
N ASN E 134 -7.17 11.14 -51.01
CA ASN E 134 -8.07 10.43 -51.92
C ASN E 134 -8.86 9.36 -51.18
N ASP E 135 -9.46 9.77 -50.07
CA ASP E 135 -10.37 8.96 -49.25
C ASP E 135 -9.68 7.80 -48.56
N GLN E 136 -8.36 7.88 -48.36
CA GLN E 136 -7.60 6.85 -47.66
C GLN E 136 -6.81 7.52 -46.54
N GLU E 137 -6.98 7.03 -45.31
CA GLU E 137 -6.32 7.67 -44.18
C GLU E 137 -4.81 7.58 -44.32
N GLU E 138 -4.14 8.72 -44.11
CA GLU E 138 -2.68 8.77 -44.09
C GLU E 138 -2.19 8.59 -42.66
N THR E 139 -1.21 7.73 -42.47
CA THR E 139 -0.59 7.55 -41.16
C THR E 139 0.87 7.99 -41.16
N ALA E 140 1.63 7.55 -42.16
CA ALA E 140 2.98 8.05 -42.31
C ALA E 140 2.96 9.51 -42.72
N GLY E 141 4.00 10.24 -42.32
CA GLY E 141 4.15 11.63 -42.70
C GLY E 141 3.28 12.61 -41.95
N VAL E 142 2.50 12.14 -40.97
CA VAL E 142 1.67 13.00 -40.15
C VAL E 142 2.44 13.39 -38.90
N VAL E 143 2.53 14.68 -38.63
CA VAL E 143 3.16 15.19 -37.41
C VAL E 143 2.23 16.22 -36.78
N SER E 144 1.95 16.06 -35.50
CA SER E 144 1.05 16.94 -34.76
C SER E 144 1.80 17.70 -33.69
N THR E 145 1.45 18.98 -33.51
CA THR E 145 1.80 19.64 -32.26
C THR E 145 1.11 18.89 -31.13
N PRO E 146 1.57 19.06 -29.90
CA PRO E 146 0.75 18.65 -28.76
C PRO E 146 -0.50 19.51 -28.70
N LEU E 147 -1.47 19.04 -27.95
CA LEU E 147 -2.63 19.85 -27.62
C LEU E 147 -2.16 21.17 -27.00
N ILE E 148 -2.59 22.29 -27.56
CA ILE E 148 -2.14 23.60 -27.12
C ILE E 148 -3.27 24.28 -26.34
N ARG E 149 -2.96 24.68 -25.11
CA ARG E 149 -3.92 25.31 -24.22
C ARG E 149 -3.76 26.82 -24.35
N ASN E 150 -4.80 27.49 -24.83
CA ASN E 150 -4.71 28.93 -25.06
C ASN E 150 -4.89 29.72 -23.77
N GLY E 151 -5.49 29.13 -22.75
CA GLY E 151 -5.70 29.77 -21.47
C GLY E 151 -7.04 30.48 -21.35
N ASP E 152 -7.79 30.61 -22.44
CA ASP E 152 -9.08 31.29 -22.45
C ASP E 152 -10.23 30.30 -22.58
N TRP E 153 -10.04 29.07 -22.10
CA TRP E 153 -11.02 28.00 -22.21
C TRP E 153 -11.21 27.55 -23.67
N THR E 154 -10.16 27.68 -24.48
CA THR E 154 -10.12 27.04 -25.79
C THR E 154 -8.76 26.38 -25.98
N PHE E 155 -8.73 25.41 -26.89
CA PHE E 155 -7.52 24.71 -27.29
C PHE E 155 -7.28 24.91 -28.79
N GLN E 156 -6.08 24.53 -29.23
CA GLN E 156 -5.83 24.38 -30.65
C GLN E 156 -4.81 23.27 -30.84
N ILE E 157 -4.68 22.82 -32.08
CA ILE E 157 -3.74 21.78 -32.43
C ILE E 157 -3.48 21.88 -33.92
N LEU E 158 -2.22 21.70 -34.31
CA LEU E 158 -1.82 21.71 -35.70
C LEU E 158 -1.40 20.30 -36.08
N VAL E 159 -2.01 19.77 -37.13
CA VAL E 159 -1.68 18.44 -37.63
C VAL E 159 -1.16 18.58 -39.05
N MET E 160 0.08 18.18 -39.27
CA MET E 160 0.78 18.42 -40.52
C MET E 160 0.97 17.12 -41.28
N LEU E 161 0.90 17.21 -42.61
CA LEU E 161 1.06 16.06 -43.49
C LEU E 161 2.17 16.38 -44.47
N GLU E 162 3.23 15.58 -44.44
CA GLU E 162 4.22 15.60 -45.51
C GLU E 162 3.62 14.94 -46.74
N MET E 163 3.71 15.61 -47.89
CA MET E 163 2.99 15.18 -49.07
C MET E 163 3.83 15.44 -50.31
N THR E 164 3.53 14.66 -51.35
CA THR E 164 4.09 14.83 -52.69
C THR E 164 2.90 14.79 -53.64
N PRO E 165 2.29 15.94 -53.91
CA PRO E 165 0.93 15.95 -54.49
C PRO E 165 0.93 15.67 -55.98
N GLN E 166 0.00 14.81 -56.39
CA GLN E 166 -0.34 14.64 -57.80
C GLN E 166 -1.52 15.52 -58.12
N ARG E 167 -1.47 16.18 -59.28
CA ARG E 167 -2.60 16.98 -59.72
C ARG E 167 -3.88 16.15 -59.71
N GLY E 168 -4.91 16.67 -59.06
CA GLY E 168 -6.17 15.98 -58.88
C GLY E 168 -6.35 15.37 -57.52
N ASP E 169 -5.25 15.14 -56.78
CA ASP E 169 -5.34 14.62 -55.43
C ASP E 169 -6.20 15.52 -54.55
N VAL E 170 -7.04 14.90 -53.74
CA VAL E 170 -7.79 15.62 -52.71
C VAL E 170 -7.28 15.18 -51.35
N TYR E 171 -6.79 16.13 -50.57
CA TYR E 171 -6.33 15.90 -49.20
C TYR E 171 -7.39 16.44 -48.26
N THR E 172 -7.84 15.60 -47.33
CA THR E 172 -8.94 15.95 -46.45
C THR E 172 -8.47 15.94 -45.00
N CYS E 173 -8.69 17.05 -44.30
CA CYS E 173 -8.50 17.07 -42.86
C CYS E 173 -9.84 16.74 -42.20
N HIS E 174 -9.84 15.75 -41.31
CA HIS E 174 -11.05 15.13 -40.79
C HIS E 174 -11.04 15.26 -39.27
N VAL E 175 -12.02 15.96 -38.71
CA VAL E 175 -11.99 16.35 -37.31
C VAL E 175 -13.23 15.85 -36.60
N GLU E 176 -13.03 15.11 -35.51
CA GLU E 176 -14.10 14.65 -34.63
C GLU E 176 -13.96 15.34 -33.29
N HIS E 177 -15.09 15.73 -32.70
CA HIS E 177 -15.10 16.54 -31.48
C HIS E 177 -16.47 16.46 -30.86
N PRO E 178 -16.57 16.43 -29.52
CA PRO E 178 -17.88 16.31 -28.87
C PRO E 178 -18.86 17.42 -29.20
N SER E 179 -18.38 18.54 -29.73
CA SER E 179 -19.27 19.61 -30.17
C SER E 179 -19.95 19.31 -31.48
N LEU E 180 -19.52 18.28 -32.19
CA LEU E 180 -19.91 18.04 -33.57
C LEU E 180 -20.87 16.87 -33.64
N GLN E 181 -22.07 17.10 -34.18
CA GLN E 181 -22.96 15.99 -34.51
C GLN E 181 -22.30 15.06 -35.52
N SER E 182 -21.44 15.59 -36.39
CA SER E 182 -20.83 14.81 -37.45
C SER E 182 -19.53 15.47 -37.83
N PRO E 183 -18.54 14.71 -38.31
CA PRO E 183 -17.18 15.24 -38.44
C PRO E 183 -17.13 16.46 -39.36
N ILE E 184 -16.21 17.36 -39.05
CA ILE E 184 -15.81 18.39 -39.99
C ILE E 184 -14.78 17.80 -40.95
N THR E 185 -14.97 18.01 -42.25
CA THR E 185 -13.99 17.69 -43.27
C THR E 185 -13.69 18.95 -44.07
N VAL E 186 -12.41 19.25 -44.24
CA VAL E 186 -11.94 20.35 -45.06
C VAL E 186 -10.98 19.78 -46.10
N GLU E 187 -11.15 20.20 -47.35
CA GLU E 187 -10.43 19.62 -48.47
C GLU E 187 -9.42 20.60 -49.05
N TRP E 188 -8.28 20.06 -49.45
CA TRP E 188 -7.27 20.78 -50.22
C TRP E 188 -6.97 19.97 -51.46
N ARG E 189 -7.17 20.57 -52.64
CA ARG E 189 -7.10 19.86 -53.91
C ARG E 189 -5.90 20.33 -54.70
N ALA E 190 -4.99 19.40 -54.98
CA ALA E 190 -3.76 19.69 -55.72
C ALA E 190 -4.11 20.11 -57.14
N GLN E 191 -3.74 21.34 -57.50
CA GLN E 191 -3.99 21.85 -58.84
C GLN E 191 -2.84 21.57 -59.80
N SER E 192 -1.70 21.11 -59.28
CA SER E 192 -0.57 20.73 -60.12
C SER E 192 0.19 19.62 -59.41
N THR E 193 1.12 19.01 -60.15
CA THR E 193 1.98 17.97 -59.63
C THR E 193 3.26 18.59 -59.12
N SER E 194 3.60 18.32 -57.85
CA SER E 194 4.80 18.87 -57.25
C SER E 194 5.96 17.87 -57.30
#